data_6G98
#
_entry.id   6G98
#
_cell.length_a   152.390
_cell.length_b   152.390
_cell.length_c   171.830
_cell.angle_alpha   90.00
_cell.angle_beta   90.00
_cell.angle_gamma   120.00
#
_symmetry.space_group_name_H-M   'H 3'
#
loop_
_entity.id
_entity.type
_entity.pdbx_description
1 polymer 'Carbonic anhydrase 9'
2 non-polymer 'ZINC ION'
3 non-polymer '4-[2-[3-(cyclododecylamino)-2,5,6-tris(fluoranyl)-4-sulfamoyl-phenyl]sulfanylethyl]benzoic acid'
4 water water
#
_entity_poly.entity_id   1
_entity_poly.type   'polypeptide(L)'
_entity_poly.pdbx_seq_one_letter_code
;GPDQSHWRYGGDPPWPRVSPACAGRFQSPVDIRPQLAAFSPALRPLELLGFQLPPLPELRLRNNGHSVQLTLPPGLEMAL
GPGREYRALQLHLHWGAAGRPGSEHTVEGHRFPAEIHVVHLSTAFARVDEALGRPGGLAVLAAFLEEGPEENSAYEQLLS
RLEEIAEEGSETQVPGLDISALLPSDFSRYFQYEGSLTTPPCAQGVIWTVFNQTVMLSAKQLHTLSDTLWGPGDSRLQLN
FRATQPLNGRVIEASFP
;
_entity_poly.pdbx_strand_id   A,B,C,D
#
loop_
_chem_comp.id
_chem_comp.type
_chem_comp.name
_chem_comp.formula
ER5 non-polymer '4-[2-[3-(cyclododecylamino)-2,5,6-tris(fluoranyl)-4-sulfamoyl-phenyl]sulfanylethyl]benzoic acid' 'C27 H35 F3 N2 O4 S2'
ZN non-polymer 'ZINC ION' 'Zn 2'
#
# COMPACT_ATOMS: atom_id res chain seq x y z
N ARG A 17 -2.40 27.88 -3.88
CA ARG A 17 -1.79 26.58 -3.48
C ARG A 17 -0.30 26.48 -3.88
N VAL A 18 0.57 27.13 -3.10
CA VAL A 18 2.04 26.98 -3.21
C VAL A 18 2.59 26.05 -2.10
N SER A 19 1.74 25.10 -1.66
CA SER A 19 2.03 24.07 -0.63
C SER A 19 2.17 24.58 0.82
N PRO A 20 1.04 24.77 1.54
CA PRO A 20 1.02 25.47 2.84
C PRO A 20 1.86 24.81 3.96
N ALA A 21 1.95 23.48 3.96
CA ALA A 21 2.79 22.76 4.94
C ALA A 21 4.31 22.91 4.70
N CYS A 22 4.73 23.36 3.51
CA CYS A 22 6.17 23.71 3.25
C CYS A 22 6.65 24.96 3.95
N ALA A 23 5.75 25.64 4.65
CA ALA A 23 6.10 26.81 5.45
C ALA A 23 6.02 26.49 6.94
N GLY A 24 5.99 25.21 7.30
CA GLY A 24 5.93 24.84 8.69
C GLY A 24 7.20 25.22 9.45
N ARG A 25 7.09 25.25 10.78
CA ARG A 25 8.21 25.56 11.65
C ARG A 25 9.26 24.42 11.76
N PHE A 26 8.85 23.18 11.46
CA PHE A 26 9.66 21.97 11.74
C PHE A 26 9.88 21.10 10.49
N GLN A 27 10.76 21.61 9.63
CA GLN A 27 10.96 21.11 8.28
C GLN A 27 12.33 20.45 8.15
N SER A 28 12.48 19.66 7.07
CA SER A 28 13.76 19.02 6.73
C SER A 28 14.15 19.49 5.36
N PRO A 29 15.42 19.37 4.97
CA PRO A 29 16.53 18.87 5.78
C PRO A 29 17.09 19.87 6.80
N VAL A 30 17.98 19.41 7.65
CA VAL A 30 18.61 20.25 8.67
C VAL A 30 20.14 20.07 8.67
N ASP A 31 20.81 21.03 9.28
CA ASP A 31 22.26 21.00 9.50
C ASP A 31 22.41 20.28 10.81
N ILE A 32 23.09 19.14 10.79
CA ILE A 32 23.30 18.32 11.98
C ILE A 32 24.58 18.85 12.63
N ARG A 33 24.47 19.31 13.87
CA ARG A 33 25.62 19.78 14.67
C ARG A 33 25.80 18.74 15.77
N PRO A 34 26.80 17.84 15.64
CA PRO A 34 26.91 16.74 16.61
C PRO A 34 27.09 17.18 18.04
N GLN A 35 27.78 18.29 18.26
CA GLN A 35 27.92 18.81 19.63
C GLN A 35 26.62 19.29 20.27
N LEU A 36 25.60 19.66 19.50
CA LEU A 36 24.30 20.02 20.05
C LEU A 36 23.32 18.84 20.04
N ALA A 37 23.75 17.67 19.55
CA ALA A 37 22.88 16.48 19.51
C ALA A 37 22.78 15.95 20.92
N ALA A 38 21.64 15.38 21.28
CA ALA A 38 21.45 14.82 22.61
C ALA A 38 21.68 13.34 22.56
N PHE A 39 22.61 12.83 23.37
CA PHE A 39 22.79 11.39 23.47
C PHE A 39 21.55 10.79 24.15
N SER A 40 20.91 9.85 23.49
CA SER A 40 19.83 9.09 24.10
C SER A 40 20.04 7.58 24.01
N PRO A 41 20.37 6.94 25.14
CA PRO A 41 20.54 5.48 25.09
C PRO A 41 19.28 4.66 24.83
N ALA A 42 18.09 5.27 24.75
CA ALA A 42 16.89 4.54 24.28
C ALA A 42 16.99 4.08 22.81
N LEU A 43 17.73 4.85 22.01
CA LEU A 43 17.88 4.63 20.58
C LEU A 43 18.77 3.41 20.34
N ARG A 44 18.11 2.30 20.05
CA ARG A 44 18.78 1.03 19.81
C ARG A 44 19.14 0.90 18.33
N PRO A 45 19.95 -0.13 17.99
CA PRO A 45 20.21 -0.40 16.59
C PRO A 45 18.92 -0.63 15.77
N LEU A 46 18.89 -0.10 14.56
CA LEU A 46 17.77 -0.31 13.66
C LEU A 46 17.76 -1.75 13.24
N GLU A 47 16.57 -2.30 13.00
CA GLU A 47 16.44 -3.67 12.51
C GLU A 47 15.66 -3.67 11.22
N LEU A 48 16.18 -4.37 10.21
CA LEU A 48 15.50 -4.56 8.95
C LEU A 48 15.13 -6.03 8.80
N LEU A 49 13.99 -6.29 8.19
CA LEU A 49 13.60 -7.64 7.88
C LEU A 49 13.09 -7.66 6.45
N GLY A 50 13.53 -8.63 5.66
CA GLY A 50 13.03 -8.82 4.30
C GLY A 50 13.64 -7.90 3.25
N PHE A 51 14.78 -7.28 3.55
CA PHE A 51 15.38 -6.39 2.56
C PHE A 51 16.15 -7.17 1.48
N GLN A 52 16.45 -8.44 1.73
CA GLN A 52 17.18 -9.26 0.78
C GLN A 52 16.20 -9.89 -0.22
N LEU A 53 15.97 -9.19 -1.31
CA LEU A 53 14.97 -9.61 -2.28
C LEU A 53 15.46 -10.75 -3.19
N PRO A 54 14.54 -11.63 -3.60
CA PRO A 54 14.86 -12.45 -4.77
C PRO A 54 14.86 -11.57 -6.04
N PRO A 55 15.52 -12.04 -7.12
CA PRO A 55 15.60 -11.24 -8.36
C PRO A 55 14.23 -11.02 -9.05
N LEU A 56 13.32 -11.99 -8.96
CA LEU A 56 11.93 -11.81 -9.39
C LEU A 56 10.99 -11.91 -8.20
N PRO A 57 9.88 -11.15 -8.24
CA PRO A 57 9.52 -10.18 -9.29
C PRO A 57 10.45 -8.95 -9.34
N GLU A 58 10.54 -8.33 -10.53
CA GLU A 58 11.33 -7.12 -10.71
C GLU A 58 10.72 -5.86 -10.05
N LEU A 59 11.55 -4.83 -9.86
CA LEU A 59 11.12 -3.60 -9.23
C LEU A 59 11.12 -2.49 -10.28
N ARG A 60 10.33 -1.45 -10.07
CA ARG A 60 10.28 -0.33 -11.01
C ARG A 60 11.19 0.81 -10.57
N LEU A 61 12.22 1.05 -11.39
CA LEU A 61 13.15 2.17 -11.21
C LEU A 61 12.69 3.27 -12.12
N ARG A 62 12.60 4.50 -11.60
CA ARG A 62 11.94 5.57 -12.33
C ARG A 62 12.60 6.93 -12.16
N ASN A 63 12.76 7.62 -13.29
CA ASN A 63 13.17 9.03 -13.33
C ASN A 63 11.88 9.84 -13.28
N ASN A 64 11.56 10.36 -12.09
CA ASN A 64 10.30 11.05 -11.90
C ASN A 64 10.44 12.54 -12.18
N GLY A 65 11.56 12.94 -12.79
CA GLY A 65 11.81 14.34 -13.12
C GLY A 65 12.51 15.13 -12.03
N HIS A 66 12.33 14.78 -10.76
CA HIS A 66 12.97 15.48 -9.64
C HIS A 66 13.99 14.59 -8.90
N SER A 67 14.04 13.30 -9.28
CA SER A 67 14.83 12.28 -8.59
C SER A 67 14.73 10.97 -9.34
N VAL A 68 15.59 10.02 -8.97
CA VAL A 68 15.43 8.64 -9.43
C VAL A 68 14.88 7.87 -8.25
N GLN A 69 13.80 7.12 -8.46
CA GLN A 69 13.18 6.33 -7.39
C GLN A 69 13.11 4.86 -7.73
N LEU A 70 13.18 4.03 -6.69
CA LEU A 70 12.94 2.60 -6.78
C LEU A 70 11.73 2.30 -5.89
N THR A 71 10.66 1.77 -6.48
CA THR A 71 9.48 1.36 -5.73
C THR A 71 9.71 -0.02 -5.15
N LEU A 72 9.35 -0.16 -3.87
CA LEU A 72 9.70 -1.35 -3.13
C LEU A 72 8.47 -2.23 -2.93
N PRO A 73 8.66 -3.55 -2.92
CA PRO A 73 7.51 -4.44 -2.81
C PRO A 73 7.02 -4.62 -1.37
N PRO A 74 5.85 -5.26 -1.20
CA PRO A 74 5.45 -5.67 0.14
C PRO A 74 6.13 -6.99 0.51
N GLY A 75 6.67 -6.60 2.47
CA GLY A 75 7.45 -7.52 3.28
C GLY A 75 8.78 -6.97 3.70
N LEU A 76 9.08 -5.71 3.34
CA LEU A 76 10.26 -5.02 3.86
C LEU A 76 9.79 -4.31 5.10
N GLU A 77 10.22 -4.84 6.24
CA GLU A 77 9.81 -4.36 7.56
C GLU A 77 11.04 -3.76 8.22
N MET A 78 10.87 -2.57 8.79
CA MET A 78 11.92 -1.85 9.50
C MET A 78 11.40 -1.51 10.89
N ALA A 79 12.27 -1.55 11.89
CA ALA A 79 11.91 -1.12 13.25
C ALA A 79 12.89 -0.10 13.79
N LEU A 80 12.35 1.01 14.30
CA LEU A 80 13.14 2.08 14.94
C LEU A 80 13.41 1.76 16.39
N GLY A 81 12.60 0.88 16.92
CA GLY A 81 12.77 0.33 18.23
C GLY A 81 11.87 -0.89 18.21
N PRO A 82 11.56 -1.31 20.02
CA PRO A 82 10.42 -2.22 20.18
C PRO A 82 9.07 -1.47 20.09
N GLY A 83 8.15 -1.99 19.30
CA GLY A 83 6.86 -1.35 19.10
C GLY A 83 6.82 -0.19 18.10
N ARG A 84 7.96 0.18 17.50
CA ARG A 84 8.01 1.25 16.47
C ARG A 84 8.28 0.66 15.06
N GLU A 85 7.25 0.06 14.47
CA GLU A 85 7.42 -0.78 13.29
C GLU A 85 6.93 -0.10 12.03
N TYR A 86 7.69 -0.29 10.93
CA TYR A 86 7.41 0.35 9.63
C TYR A 86 7.52 -0.63 8.44
N ARG A 87 6.88 -0.27 7.33
CA ARG A 87 7.00 -0.98 6.05
C ARG A 87 7.67 -0.06 5.04
N ALA A 88 8.63 -0.58 4.29
CA ALA A 88 9.31 0.24 3.28
C ALA A 88 8.39 0.43 2.07
N LEU A 89 8.35 1.67 1.53
CA LEU A 89 7.57 2.02 0.33
C LEU A 89 8.46 2.25 -0.90
N GLN A 90 9.46 3.10 -0.74
CA GLN A 90 10.39 3.36 -1.82
C GLN A 90 11.68 3.94 -1.31
N LEU A 91 12.64 4.00 -2.21
CA LEU A 91 13.84 4.80 -2.02
C LEU A 91 14.15 5.70 -3.22
N HIS A 92 14.92 6.73 -2.96
CA HIS A 92 15.34 7.66 -4.01
C HIS A 92 16.61 8.37 -3.57
N LEU A 93 17.19 9.11 -4.50
CA LEU A 93 18.48 9.71 -4.24
C LEU A 93 18.44 11.24 -4.45
N HIS A 94 19.34 11.91 -3.77
CA HIS A 94 19.58 13.32 -3.99
C HIS A 94 21.06 13.44 -4.27
N TRP A 95 21.43 14.32 -5.19
CA TRP A 95 22.83 14.41 -5.62
C TRP A 95 23.12 15.80 -6.15
N GLY A 96 24.39 16.10 -6.45
CA GLY A 96 24.78 17.45 -6.88
C GLY A 96 25.07 17.52 -8.38
N ALA A 97 26.30 17.90 -8.71
CA ALA A 97 26.76 18.04 -10.11
C ALA A 97 28.26 18.01 -10.10
N ALA A 98 28.88 17.93 -11.29
CA ALA A 98 30.34 17.79 -11.40
C ALA A 98 31.06 18.76 -10.46
N GLY A 99 31.78 18.22 -9.46
CA GLY A 99 32.47 19.04 -8.44
C GLY A 99 31.61 19.79 -7.40
N ARG A 100 30.32 19.51 -7.34
CA ARG A 100 29.40 20.23 -6.45
C ARG A 100 28.55 19.23 -5.69
N PRO A 101 28.62 19.23 -4.35
CA PRO A 101 27.87 18.21 -3.61
C PRO A 101 26.37 18.51 -3.56
N GLY A 102 25.57 17.44 -3.46
CA GLY A 102 24.12 17.59 -3.38
C GLY A 102 23.37 16.73 -2.38
N SER A 103 24.00 16.37 -1.24
CA SER A 103 23.24 15.82 -0.14
C SER A 103 22.23 16.85 0.39
N GLU A 104 21.20 16.37 1.07
CA GLU A 104 20.18 17.26 1.63
C GLU A 104 20.60 17.70 3.01
N HIS A 105 20.87 16.72 3.88
CA HIS A 105 21.38 16.98 5.21
C HIS A 105 22.83 17.42 5.12
N THR A 106 23.23 18.24 6.07
CA THR A 106 24.62 18.66 6.17
C THR A 106 25.06 18.33 7.59
N VAL A 107 26.35 18.18 7.79
CA VAL A 107 26.94 17.90 9.09
C VAL A 107 27.95 19.01 9.35
N GLU A 108 27.66 19.88 10.31
CA GLU A 108 28.53 20.99 10.66
C GLU A 108 28.85 21.85 9.44
N GLY A 109 27.87 22.03 8.55
CA GLY A 109 28.04 22.77 7.30
C GLY A 109 28.51 21.96 6.09
N HIS A 110 29.07 20.78 6.28
CA HIS A 110 29.56 19.98 5.16
C HIS A 110 28.42 19.33 4.37
N ARG A 111 28.37 19.56 3.06
CA ARG A 111 27.45 18.83 2.17
C ARG A 111 28.18 17.66 1.53
N PHE A 112 27.59 16.48 1.58
CA PHE A 112 28.19 15.28 1.01
C PHE A 112 27.80 15.16 -0.47
N PRO A 113 28.54 14.36 -1.23
CA PRO A 113 28.23 14.24 -2.65
C PRO A 113 26.77 13.89 -2.98
N ALA A 114 26.22 12.94 -2.23
CA ALA A 114 24.88 12.49 -2.51
C ALA A 114 24.23 11.93 -1.24
N GLU A 115 22.95 11.58 -1.34
CA GLU A 115 22.19 11.02 -0.21
C GLU A 115 21.11 10.05 -0.73
N ILE A 116 20.98 8.95 0.01
CA ILE A 116 19.90 8.01 -0.20
C ILE A 116 18.85 8.16 0.90
N HIS A 117 17.59 8.10 0.48
CA HIS A 117 16.44 8.07 1.38
C HIS A 117 15.58 6.84 1.16
N VAL A 118 15.27 6.11 2.24
CA VAL A 118 14.33 5.01 2.18
C VAL A 118 13.12 5.41 3.01
N VAL A 119 11.96 5.59 2.34
CA VAL A 119 10.74 6.10 2.96
C VAL A 119 9.85 4.95 3.36
N HIS A 120 9.37 4.99 4.59
CA HIS A 120 8.62 3.91 5.21
C HIS A 120 7.31 4.46 5.76
N LEU A 121 6.34 3.57 5.92
CA LEU A 121 5.00 3.88 6.44
C LEU A 121 4.76 3.10 7.73
N SER A 122 4.30 3.74 8.78
CA SER A 122 3.98 3.02 10.02
C SER A 122 2.98 1.89 9.80
N THR A 123 3.16 0.79 10.52
CA THR A 123 2.28 -0.38 10.38
C THR A 123 1.01 -0.11 11.11
N ALA A 124 0.72 1.46 11.88
CA ALA A 124 -0.65 1.68 12.29
C ALA A 124 -1.52 2.12 11.12
N PHE A 125 -0.91 2.41 9.97
CA PHE A 125 -1.57 3.06 8.85
C PHE A 125 -1.55 2.16 7.60
N ALA A 126 -2.70 2.05 6.94
CA ALA A 126 -2.84 1.29 5.71
C ALA A 126 -2.44 2.11 4.49
N ARG A 127 -2.59 3.43 4.56
CA ARG A 127 -2.35 4.30 3.40
C ARG A 127 -1.53 5.49 3.82
N VAL A 128 -0.59 5.84 2.96
CA VAL A 128 0.22 7.04 3.04
C VAL A 128 -0.58 8.29 3.43
N ASP A 129 -1.71 8.53 2.78
CA ASP A 129 -2.47 9.75 3.05
C ASP A 129 -3.08 9.80 4.45
N GLU A 130 -3.27 8.65 5.11
CA GLU A 130 -3.65 8.66 6.53
C GLU A 130 -2.45 9.02 7.45
N ALA A 131 -1.23 8.75 7.00
CA ALA A 131 -0.03 8.94 7.80
C ALA A 131 0.55 10.34 7.73
N LEU A 132 0.28 11.05 6.63
CA LEU A 132 0.86 12.35 6.37
C LEU A 132 0.44 13.31 7.41
N GLY A 133 1.39 14.05 7.98
CA GLY A 133 1.06 15.00 9.04
C GLY A 133 0.84 14.40 10.44
N ARG A 134 0.65 13.08 10.53
CA ARG A 134 0.47 12.40 11.82
C ARG A 134 1.83 12.07 12.46
N PRO A 135 1.94 12.18 13.81
CA PRO A 135 3.26 11.95 14.45
C PRO A 135 3.74 10.51 14.26
N GLY A 136 4.91 10.40 13.65
CA GLY A 136 5.52 9.11 13.41
C GLY A 136 4.89 8.24 12.33
N GLY A 137 4.03 8.82 11.49
CA GLY A 137 3.35 8.07 10.45
C GLY A 137 4.30 7.60 9.36
N LEU A 138 5.22 8.47 8.98
CA LEU A 138 6.28 8.15 8.02
C LEU A 138 7.63 8.25 8.71
N ALA A 139 8.56 7.41 8.26
CA ALA A 139 9.90 7.39 8.79
C ALA A 139 10.80 7.23 7.60
N VAL A 140 11.88 8.02 7.55
CA VAL A 140 12.87 7.90 6.49
C VAL A 140 14.21 7.52 7.09
N LEU A 141 14.89 6.56 6.47
CA LEU A 141 16.31 6.27 6.75
C LEU A 141 17.15 7.00 5.72
N ALA A 142 18.21 7.66 6.18
CA ALA A 142 19.01 8.54 5.31
C ALA A 142 20.50 8.26 5.52
N ALA A 143 21.24 8.12 4.43
CA ALA A 143 22.67 7.88 4.51
C ALA A 143 23.36 8.72 3.46
N PHE A 144 24.50 9.28 3.81
CA PHE A 144 25.31 10.05 2.83
C PHE A 144 26.10 9.13 1.91
N LEU A 145 26.30 9.56 0.67
CA LEU A 145 27.10 8.81 -0.28
C LEU A 145 28.39 9.60 -0.55
N GLU A 146 29.54 8.95 -0.38
CA GLU A 146 30.86 9.54 -0.61
C GLU A 146 31.63 8.75 -1.64
N GLU A 147 32.71 9.34 -2.14
CA GLU A 147 33.59 8.63 -3.02
C GLU A 147 34.42 7.65 -2.19
N GLY A 148 34.51 6.42 -2.70
CA GLY A 148 35.50 5.44 -2.26
C GLY A 148 36.21 4.85 -3.48
N PRO A 149 37.18 3.95 -3.21
CA PRO A 149 38.03 3.42 -4.28
C PRO A 149 37.37 2.36 -5.16
N GLU A 150 36.33 1.71 -4.66
CA GLU A 150 35.75 0.54 -5.31
C GLU A 150 34.42 0.85 -5.92
N GLU A 151 34.10 0.12 -6.97
CA GLU A 151 32.76 0.11 -7.52
C GLU A 151 31.88 -0.56 -6.47
N ASN A 152 30.83 0.14 -6.05
CA ASN A 152 29.81 -0.41 -5.17
C ASN A 152 28.89 -1.26 -6.05
N SER A 153 28.80 -2.56 -5.80
CA SER A 153 28.06 -3.44 -6.73
C SER A 153 26.53 -3.35 -6.57
N ALA A 154 26.03 -3.19 -5.35
CA ALA A 154 24.60 -2.95 -5.18
C ALA A 154 24.15 -1.68 -5.91
N TYR A 155 24.88 -0.57 -5.74
CA TYR A 155 24.52 0.66 -6.45
C TYR A 155 24.64 0.51 -7.96
N GLU A 156 25.60 -0.31 -8.40
CA GLU A 156 25.85 -0.54 -9.83
C GLU A 156 24.65 -1.15 -10.54
N GLN A 157 23.87 -1.91 -9.79
CA GLN A 157 22.68 -2.53 -10.34
C GLN A 157 21.64 -1.50 -10.73
N LEU A 158 21.58 -0.39 -9.99
CA LEU A 158 20.72 0.72 -10.33
C LEU A 158 21.41 1.67 -11.30
N LEU A 159 22.68 1.98 -11.05
CA LEU A 159 23.33 3.05 -11.81
C LEU A 159 23.62 2.69 -13.27
N SER A 160 23.82 1.40 -13.54
CA SER A 160 24.03 0.88 -14.89
C SER A 160 22.75 0.95 -15.74
N ARG A 161 21.60 1.11 -15.08
CA ARG A 161 20.32 1.27 -15.75
C ARG A 161 19.85 2.70 -15.98
N LEU A 162 20.59 3.72 -15.54
CA LEU A 162 20.12 5.11 -15.68
C LEU A 162 20.06 5.58 -17.13
N GLU A 163 20.84 5.00 -18.02
CA GLU A 163 20.83 5.38 -19.43
C GLU A 163 19.47 5.04 -20.08
N GLU A 164 18.87 3.92 -19.70
CA GLU A 164 17.49 3.57 -20.10
C GLU A 164 16.37 4.55 -19.62
N ILE A 165 16.63 5.32 -18.57
CA ILE A 165 15.63 6.24 -18.03
C ILE A 165 16.10 7.72 -18.01
N ALA A 166 16.94 8.08 -18.98
CA ALA A 166 17.47 9.45 -19.07
C ALA A 166 16.34 10.45 -19.24
N GLU A 167 15.35 10.09 -20.04
CA GLU A 167 14.22 10.94 -20.28
C GLU A 167 13.41 11.18 -18.99
N GLU A 168 12.92 12.40 -18.81
CA GLU A 168 12.01 12.72 -17.71
C GLU A 168 10.74 11.86 -17.77
N GLY A 169 10.33 11.32 -16.64
CA GLY A 169 9.16 10.47 -16.58
C GLY A 169 9.29 9.06 -17.13
N SER A 170 10.50 8.62 -17.46
CA SER A 170 10.69 7.24 -17.93
C SER A 170 10.98 6.29 -16.78
N GLU A 171 10.80 5.01 -17.07
CA GLU A 171 11.05 3.95 -16.11
C GLU A 171 11.51 2.65 -16.76
N THR A 172 12.05 1.80 -15.91
CA THR A 172 12.56 0.53 -16.32
C THR A 172 12.43 -0.48 -15.19
N GLN A 173 12.36 -1.75 -15.53
CA GLN A 173 12.30 -2.79 -14.52
C GLN A 173 13.72 -3.23 -14.20
N VAL A 174 13.95 -3.59 -12.94
CA VAL A 174 15.26 -4.06 -12.47
C VAL A 174 15.07 -5.26 -11.56
N PRO A 175 15.98 -6.25 -11.63
CA PRO A 175 15.90 -7.38 -10.69
C PRO A 175 15.93 -6.92 -9.27
N GLY A 176 15.18 -7.59 -8.42
CA GLY A 176 15.33 -7.38 -6.99
C GLY A 176 16.76 -7.62 -6.56
N LEU A 177 17.18 -6.92 -5.51
CA LEU A 177 18.55 -6.99 -4.98
C LEU A 177 18.46 -6.83 -3.47
N ASP A 178 19.61 -6.90 -2.82
CA ASP A 178 19.71 -6.59 -1.39
C ASP A 178 19.62 -5.09 -1.20
N ILE A 179 18.44 -4.63 -0.85
CA ILE A 179 18.16 -3.22 -0.64
C ILE A 179 18.99 -2.73 0.53
N SER A 180 19.19 -3.60 1.53
CA SER A 180 20.01 -3.25 2.68
C SER A 180 21.47 -2.98 2.34
N ALA A 181 21.98 -3.54 1.25
CA ALA A 181 23.33 -3.23 0.76
C ALA A 181 23.46 -1.83 0.14
N LEU A 182 22.37 -1.07 0.03
CA LEU A 182 22.45 0.33 -0.40
C LEU A 182 22.65 1.23 0.79
N LEU A 183 22.70 0.62 1.98
CA LEU A 183 22.77 1.32 3.22
C LEU A 183 24.05 0.94 3.93
N PRO A 184 24.48 1.75 4.91
CA PRO A 184 25.68 1.44 5.71
C PRO A 184 25.57 0.16 6.52
N SER A 185 26.69 -0.49 6.85
CA SER A 185 26.68 -1.68 7.75
C SER A 185 26.25 -1.37 9.18
N ASP A 186 26.70 -0.21 9.68
CA ASP A 186 26.52 0.18 11.07
C ASP A 186 25.11 0.78 11.21
N PHE A 187 24.18 -0.05 11.68
CA PHE A 187 22.84 0.39 12.05
C PHE A 187 22.75 0.88 13.51
N SER A 188 23.87 0.91 14.25
CA SER A 188 23.88 1.32 15.67
C SER A 188 24.05 2.79 15.88
N ARG A 189 24.80 3.43 14.99
CA ARG A 189 25.20 4.81 15.18
C ARG A 189 24.48 5.74 14.20
N TYR A 190 23.61 6.59 14.74
CA TYR A 190 22.76 7.45 13.92
C TYR A 190 22.27 8.68 14.67
N PHE A 191 21.79 9.66 13.89
CA PHE A 191 21.08 10.81 14.43
C PHE A 191 19.60 10.62 14.15
N GLN A 192 18.77 11.22 14.98
CA GLN A 192 17.32 11.08 14.81
C GLN A 192 16.61 12.36 15.23
N TYR A 193 15.68 12.82 14.38
CA TYR A 193 14.91 14.00 14.68
C TYR A 193 13.58 13.98 13.99
N GLU A 194 12.66 14.85 14.45
CA GLU A 194 11.32 14.95 13.87
C GLU A 194 11.34 16.13 12.94
N GLY A 195 10.95 15.88 11.68
CA GLY A 195 10.89 16.91 10.65
C GLY A 195 9.84 16.62 9.59
N SER A 196 10.18 16.87 8.33
CA SER A 196 9.20 16.87 7.25
C SER A 196 9.69 16.19 6.00
N LEU A 197 8.76 16.03 5.05
CA LEU A 197 9.11 15.71 3.68
C LEU A 197 9.80 16.92 3.05
N THR A 198 10.67 16.66 2.06
CA THR A 198 11.49 17.70 1.44
C THR A 198 11.01 18.09 0.03
N THR A 199 9.82 17.61 -0.33
CA THR A 199 9.13 17.94 -1.56
C THR A 199 7.67 18.15 -1.14
N PRO A 200 6.89 18.93 -1.90
CA PRO A 200 5.47 19.11 -1.51
C PRO A 200 4.74 17.80 -1.48
N PRO A 201 3.92 17.52 -0.48
CA PRO A 201 3.38 18.51 0.47
C PRO A 201 4.22 18.91 1.68
N CYS A 202 5.44 18.42 1.84
CA CYS A 202 6.28 18.79 2.99
C CYS A 202 5.57 18.59 4.34
N ALA A 203 4.74 17.54 4.45
CA ALA A 203 4.03 17.24 5.70
C ALA A 203 5.01 16.94 6.83
N GLN A 204 4.70 17.48 7.99
CA GLN A 204 5.51 17.27 9.20
C GLN A 204 5.21 15.91 9.89
N GLY A 205 5.85 15.70 11.04
CA GLY A 205 5.72 14.44 11.80
C GLY A 205 6.52 13.28 11.25
N VAL A 206 7.53 13.55 10.43
CA VAL A 206 8.34 12.50 9.80
C VAL A 206 9.52 12.19 10.70
N ILE A 207 9.75 10.92 11.03
CA ILE A 207 10.91 10.54 11.81
C ILE A 207 12.08 10.31 10.85
N TRP A 208 13.09 11.17 10.95
CA TRP A 208 14.32 11.07 10.15
C TRP A 208 15.40 10.41 11.00
N THR A 209 15.91 9.29 10.49
CA THR A 209 17.10 8.66 11.00
C THR A 209 18.25 8.83 9.99
N VAL A 210 19.31 9.54 10.38
CA VAL A 210 20.51 9.77 9.57
C VAL A 210 21.71 9.04 10.15
N PHE A 211 22.28 8.14 9.35
CA PHE A 211 23.41 7.31 9.75
C PHE A 211 24.73 8.07 9.96
N ASN A 212 25.51 7.63 10.95
CA ASN A 212 26.87 8.14 11.26
C ASN A 212 27.73 7.71 10.08
N GLN A 213 27.72 6.40 9.79
CA GLN A 213 28.54 5.83 8.71
C GLN A 213 27.98 6.22 7.32
N THR A 214 28.87 6.59 6.39
CA THR A 214 28.46 6.81 5.02
C THR A 214 28.63 5.57 4.13
N VAL A 215 28.01 5.64 2.96
CA VAL A 215 28.11 4.61 1.92
C VAL A 215 29.08 5.07 0.83
N MET A 216 29.98 4.18 0.37
CA MET A 216 30.99 4.53 -0.67
C MET A 216 30.52 4.17 -2.11
N LEU A 217 30.63 5.12 -3.03
CA LEU A 217 30.49 4.86 -4.48
C LEU A 217 31.82 5.24 -5.16
N SER A 218 32.15 4.60 -6.28
CA SER A 218 33.27 5.05 -7.11
C SER A 218 33.00 6.43 -7.68
N ALA A 219 34.06 7.10 -8.11
CA ALA A 219 33.94 8.41 -8.79
C ALA A 219 33.03 8.32 -10.02
N LYS A 220 33.28 7.29 -10.81
CA LYS A 220 32.53 6.99 -12.01
C LYS A 220 31.06 6.83 -11.66
N GLN A 221 30.78 6.06 -10.61
CA GLN A 221 29.42 5.88 -10.14
C GLN A 221 28.76 7.22 -9.82
N LEU A 222 29.44 8.06 -9.05
CA LEU A 222 28.88 9.37 -8.69
C LEU A 222 28.63 10.26 -9.92
N HIS A 223 29.56 10.22 -10.87
CA HIS A 223 29.41 10.96 -12.13
C HIS A 223 28.20 10.41 -12.89
N THR A 224 28.04 9.08 -12.97
CA THR A 224 26.87 8.51 -13.63
C THR A 224 25.56 9.06 -13.02
N LEU A 225 25.52 9.19 -11.71
CA LEU A 225 24.30 9.62 -11.05
C LEU A 225 24.00 11.06 -11.40
N SER A 226 25.03 11.91 -11.36
CA SER A 226 24.86 13.34 -11.58
C SER A 226 24.74 13.75 -13.06
N ASP A 227 25.25 12.96 -13.98
CA ASP A 227 25.36 13.37 -15.38
C ASP A 227 24.53 12.57 -16.39
N THR A 228 23.61 11.72 -15.95
CA THR A 228 22.86 10.86 -16.87
C THR A 228 21.38 11.22 -17.05
N LEU A 229 20.72 11.73 -16.03
CA LEU A 229 19.28 11.93 -16.10
C LEU A 229 18.94 13.36 -16.45
N TRP A 230 17.76 13.52 -17.06
CA TRP A 230 17.22 14.82 -17.46
C TRP A 230 15.90 15.13 -16.75
N GLY A 231 15.69 16.43 -16.53
CA GLY A 231 14.58 16.96 -15.76
C GLY A 231 13.55 17.69 -16.62
N PRO A 232 12.72 18.54 -16.00
CA PRO A 232 11.62 19.21 -16.73
C PRO A 232 12.07 20.35 -17.65
N GLY A 233 13.07 22.66 -19.48
CA GLY A 233 12.64 21.77 -20.56
C GLY A 233 13.61 20.63 -20.75
N ASP A 234 14.73 20.92 -21.41
CA ASP A 234 15.84 19.97 -21.59
C ASP A 234 17.00 20.37 -20.64
N SER A 235 16.70 20.41 -19.34
CA SER A 235 17.67 20.72 -18.28
C SER A 235 18.09 19.43 -17.54
N ARG A 236 19.37 19.34 -17.19
CA ARG A 236 19.92 18.15 -16.52
C ARG A 236 19.32 18.00 -15.13
N LEU A 237 19.16 16.77 -14.67
CA LEU A 237 18.65 16.51 -13.32
C LEU A 237 19.85 16.44 -12.36
N GLN A 238 20.07 17.54 -11.64
CA GLN A 238 21.22 17.77 -10.81
C GLN A 238 20.78 18.69 -9.68
N LEU A 239 21.54 18.70 -8.59
CA LEU A 239 21.34 19.63 -7.48
C LEU A 239 19.89 19.55 -6.97
N ASN A 240 19.37 18.32 -6.86
CA ASN A 240 17.99 18.05 -6.46
C ASN A 240 17.90 17.86 -4.95
N PHE A 241 18.35 18.90 -4.22
CA PHE A 241 18.26 18.97 -2.78
C PHE A 241 17.58 20.28 -2.35
N ARG A 242 16.78 20.22 -1.28
CA ARG A 242 16.20 21.41 -0.67
C ARG A 242 17.24 22.05 0.25
N ALA A 243 17.14 23.36 0.41
CA ALA A 243 18.01 24.11 1.32
C ALA A 243 17.76 23.67 2.75
N THR A 244 18.82 23.68 3.56
CA THR A 244 18.71 23.30 4.95
C THR A 244 17.82 24.27 5.68
N GLN A 245 16.95 23.68 6.49
CA GLN A 245 15.94 24.38 7.24
C GLN A 245 16.43 24.56 8.67
N PRO A 246 15.94 25.60 9.35
CA PRO A 246 16.32 25.80 10.77
C PRO A 246 15.72 24.76 11.72
N LEU A 247 16.47 24.38 12.74
CA LEU A 247 15.97 23.45 13.73
C LEU A 247 14.77 24.05 14.48
N ASN A 248 14.85 25.37 14.74
CA ASN A 248 13.77 26.11 15.37
C ASN A 248 13.40 25.58 16.76
N GLY A 249 14.43 25.20 17.54
CA GLY A 249 14.25 24.67 18.88
C GLY A 249 14.13 23.16 19.01
N ARG A 250 14.03 22.44 17.89
CA ARG A 250 14.15 20.97 17.90
C ARG A 250 15.55 20.55 18.34
N VAL A 251 15.64 19.41 19.01
CA VAL A 251 16.90 18.85 19.46
C VAL A 251 17.04 17.52 18.72
N ILE A 252 18.12 17.41 17.96
CA ILE A 252 18.48 16.19 17.24
C ILE A 252 19.05 15.26 18.30
N GLU A 253 18.62 14.01 18.27
CA GLU A 253 19.14 12.99 19.18
C GLU A 253 20.18 12.13 18.49
N ALA A 254 21.06 11.53 19.29
CA ALA A 254 22.13 10.67 18.81
C ALA A 254 22.11 9.37 19.60
N SER A 255 22.42 8.25 18.93
CA SER A 255 22.41 6.95 19.58
C SER A 255 23.73 6.64 20.32
N PHE A 256 24.66 7.60 20.34
CA PHE A 256 25.99 7.41 20.85
C PHE A 256 26.44 8.74 21.42
N PRO A 257 27.27 8.70 22.47
CA PRO A 257 27.75 9.96 23.03
C PRO A 257 28.89 10.51 22.17
N TRP B 15 -9.63 -10.55 30.47
CA TRP B 15 -9.37 -9.33 29.64
C TRP B 15 -8.98 -9.65 28.18
N PRO B 16 -7.94 -10.49 27.95
CA PRO B 16 -7.80 -11.14 26.63
C PRO B 16 -9.03 -11.96 26.13
N ARG B 17 -9.93 -12.34 27.04
CA ARG B 17 -11.23 -12.95 26.70
C ARG B 17 -12.11 -12.04 25.82
N VAL B 18 -12.57 -10.90 26.35
CA VAL B 18 -13.55 -10.02 25.65
C VAL B 18 -12.90 -9.08 24.57
N SER B 19 -11.60 -8.77 24.71
CA SER B 19 -10.83 -8.15 23.60
C SER B 19 -9.33 -8.49 23.69
N PRO B 20 -8.75 -9.07 22.63
CA PRO B 20 -7.42 -9.67 22.70
C PRO B 20 -6.25 -8.68 22.54
N ALA B 21 -6.52 -7.42 22.24
CA ALA B 21 -5.49 -6.40 22.29
C ALA B 21 -4.84 -6.30 23.68
N CYS B 22 -5.57 -6.70 24.73
CA CYS B 22 -5.05 -6.72 26.08
C CYS B 22 -3.90 -7.73 26.29
N ALA B 23 -3.73 -8.68 25.37
CA ALA B 23 -2.52 -9.51 25.32
C ALA B 23 -1.53 -9.09 24.24
N GLY B 24 -1.49 -7.80 23.90
CA GLY B 24 -0.45 -7.28 23.00
C GLY B 24 0.88 -7.19 23.71
N ARG B 25 1.95 -6.98 22.92
CA ARG B 25 3.35 -6.97 23.42
C ARG B 25 3.73 -5.72 24.23
N PHE B 26 3.07 -4.60 23.98
CA PHE B 26 3.48 -3.28 24.53
C PHE B 26 2.35 -2.58 25.28
N GLN B 27 2.08 -3.12 26.47
CA GLN B 27 0.95 -2.74 27.29
C GLN B 27 1.41 -1.91 28.51
N SER B 28 0.43 -1.34 29.19
CA SER B 28 0.63 -0.59 30.39
C SER B 28 -0.31 -1.16 31.47
N PRO B 29 -0.04 -0.87 32.75
CA PRO B 29 1.09 -0.08 33.25
C PRO B 29 2.35 -0.93 33.36
N VAL B 30 3.44 -0.29 33.76
CA VAL B 30 4.75 -0.94 33.88
C VAL B 30 5.41 -0.56 35.20
N ASP B 31 6.39 -1.35 35.61
CA ASP B 31 7.20 -1.00 36.78
C ASP B 31 8.31 -0.07 36.31
N ILE B 32 8.37 1.12 36.92
CA ILE B 32 9.39 2.10 36.63
C ILE B 32 10.62 1.82 37.49
N ARG B 33 11.77 1.71 36.84
CA ARG B 33 13.03 1.40 37.47
C ARG B 33 13.99 2.52 37.05
N PRO B 34 14.09 3.56 37.89
CA PRO B 34 14.85 4.74 37.52
C PRO B 34 16.27 4.48 37.08
N GLN B 35 16.93 3.50 37.70
CA GLN B 35 18.32 3.21 37.36
C GLN B 35 18.48 2.66 35.96
N LEU B 36 17.40 2.11 35.39
CA LEU B 36 17.38 1.58 34.04
C LEU B 36 16.74 2.52 33.05
N ALA B 37 16.32 3.69 33.50
CA ALA B 37 15.74 4.68 32.61
C ALA B 37 16.83 5.38 31.78
N ALA B 38 16.50 5.71 30.54
CA ALA B 38 17.44 6.41 29.66
C ALA B 38 17.23 7.92 29.74
N PHE B 39 18.21 8.63 30.28
CA PHE B 39 18.20 10.08 30.26
C PHE B 39 18.32 10.58 28.83
N SER B 40 17.33 11.31 28.33
CA SER B 40 17.52 12.11 27.12
C SER B 40 17.31 13.59 27.36
N PRO B 41 18.37 14.41 27.18
CA PRO B 41 18.23 15.87 27.24
C PRO B 41 17.17 16.45 26.28
N ALA B 42 16.76 15.71 25.27
CA ALA B 42 15.77 16.20 24.33
C ALA B 42 14.36 16.30 24.93
N LEU B 43 14.10 15.60 26.03
CA LEU B 43 12.81 15.70 26.72
C LEU B 43 12.74 17.00 27.51
N ARG B 44 12.05 17.98 26.92
CA ARG B 44 11.97 19.33 27.46
C ARG B 44 10.85 19.38 28.49
N PRO B 45 10.73 20.48 29.24
CA PRO B 45 9.60 20.59 30.19
C PRO B 45 8.23 20.54 29.51
N LEU B 46 7.26 19.95 30.16
CA LEU B 46 5.90 19.83 29.62
C LEU B 46 5.27 21.20 29.55
N GLU B 47 4.58 21.47 28.47
CA GLU B 47 3.83 22.72 28.30
C GLU B 47 2.33 22.43 28.41
N LEU B 48 1.68 22.98 29.42
CA LEU B 48 0.24 22.88 29.63
C LEU B 48 -0.37 24.27 29.68
N LEU B 49 -1.16 24.64 28.66
CA LEU B 49 -1.87 25.95 28.64
C LEU B 49 -3.37 25.76 28.60
N GLY B 50 -4.08 26.78 29.10
CA GLY B 50 -5.54 26.76 29.19
C GLY B 50 -6.10 25.82 30.25
N PHE B 51 -5.28 25.36 31.19
CA PHE B 51 -5.79 24.45 32.26
C PHE B 51 -6.48 25.16 33.44
N GLN B 52 -6.25 26.47 33.59
CA GLN B 52 -6.88 27.25 34.68
C GLN B 52 -8.27 27.62 34.20
N LEU B 53 -9.25 26.80 34.55
CA LEU B 53 -10.61 26.97 34.10
C LEU B 53 -11.41 27.90 35.04
N PRO B 54 -12.28 28.77 34.46
CA PRO B 54 -13.20 29.55 35.30
C PRO B 54 -14.26 28.66 35.95
N PRO B 55 -15.01 29.18 36.94
CA PRO B 55 -16.03 28.35 37.58
C PRO B 55 -17.19 27.94 36.68
N LEU B 56 -17.58 28.79 35.72
CA LEU B 56 -18.62 28.44 34.73
C LEU B 56 -18.00 28.40 33.34
N PRO B 57 -18.38 27.40 32.50
CA PRO B 57 -19.36 26.33 32.76
C PRO B 57 -18.88 25.26 33.73
N GLU B 58 -19.83 24.63 34.42
CA GLU B 58 -19.54 23.49 35.29
C GLU B 58 -19.20 22.27 34.43
N LEU B 59 -18.52 21.29 35.02
CA LEU B 59 -18.00 20.10 34.32
C LEU B 59 -18.72 18.84 34.79
N ARG B 60 -18.87 17.88 33.88
CA ARG B 60 -19.50 16.61 34.19
C ARG B 60 -18.51 15.71 34.94
N LEU B 61 -18.84 15.39 36.20
CA LEU B 61 -18.11 14.42 37.05
C LEU B 61 -18.92 13.15 37.24
N ARG B 62 -18.55 12.08 36.54
CA ARG B 62 -19.32 10.83 36.54
C ARG B 62 -18.59 9.68 37.27
N ASN B 63 -19.36 8.89 38.02
CA ASN B 63 -18.95 7.54 38.46
C ASN B 63 -19.35 6.63 37.31
N ASN B 64 -18.39 5.96 36.68
CA ASN B 64 -18.72 5.09 35.53
C ASN B 64 -18.68 3.60 35.86
N GLY B 65 -18.62 3.27 37.15
CA GLY B 65 -18.58 1.89 37.63
C GLY B 65 -17.20 1.28 37.78
N HIS B 66 -16.25 1.76 36.99
CA HIS B 66 -14.84 1.32 37.05
C HIS B 66 -13.89 2.41 37.58
N SER B 67 -14.29 3.68 37.47
CA SER B 67 -13.52 4.81 38.04
C SER B 67 -14.43 6.04 38.16
N VAL B 68 -13.90 7.12 38.77
CA VAL B 68 -14.54 8.45 38.71
C VAL B 68 -13.85 9.26 37.61
N GLN B 69 -14.63 9.86 36.69
CA GLN B 69 -14.09 10.68 35.60
C GLN B 69 -14.64 12.10 35.53
N LEU B 70 -13.78 13.02 35.12
CA LEU B 70 -14.14 14.40 34.91
C LEU B 70 -13.93 14.69 33.43
N THR B 71 -15.00 15.03 32.72
CA THR B 71 -14.92 15.45 31.30
C THR B 71 -14.36 16.87 31.28
N LEU B 72 -13.51 17.16 30.31
CA LEU B 72 -12.81 18.43 30.24
C LEU B 72 -13.25 19.19 28.98
N PRO B 73 -13.35 20.52 29.05
CA PRO B 73 -13.81 21.27 27.90
C PRO B 73 -12.73 21.44 26.83
N PRO B 74 -13.12 22.00 25.66
CA PRO B 74 -12.14 22.47 24.69
C PRO B 74 -11.73 23.88 25.06
N GLY B 75 -9.58 23.53 24.70
CA GLY B 75 -8.77 24.66 25.12
C GLY B 75 -7.68 24.26 26.07
N LEU B 76 -7.74 23.05 26.62
CA LEU B 76 -6.63 22.55 27.46
C LEU B 76 -5.53 22.00 26.55
N GLU B 77 -4.56 22.85 26.21
CA GLU B 77 -3.53 22.51 25.24
C GLU B 77 -2.27 22.03 25.96
N MET B 78 -1.73 20.92 25.47
CA MET B 78 -0.53 20.31 26.05
C MET B 78 0.47 19.97 24.96
N ALA B 79 1.75 20.08 25.28
CA ALA B 79 2.82 19.67 24.36
C ALA B 79 3.88 18.81 25.06
N LEU B 80 4.21 17.68 24.43
CA LEU B 80 5.27 16.77 24.90
C LEU B 80 6.60 17.16 24.27
N GLY B 81 6.53 17.77 23.11
CA GLY B 81 7.64 18.47 22.54
C GLY B 81 7.04 19.71 21.92
N PRO B 82 8.69 19.90 20.41
CA PRO B 82 8.24 20.92 19.47
C PRO B 82 7.30 20.32 18.42
N GLY B 83 6.11 20.89 18.27
CA GLY B 83 5.10 20.37 17.32
C GLY B 83 4.46 19.02 17.64
N ARG B 84 4.52 18.58 18.91
CA ARG B 84 3.87 17.37 19.35
C ARG B 84 2.77 17.80 20.34
N GLU B 85 1.65 18.27 19.80
CA GLU B 85 0.60 18.89 20.62
C GLU B 85 -0.64 18.01 20.85
N TYR B 86 -1.32 18.32 21.95
CA TYR B 86 -2.42 17.52 22.50
C TYR B 86 -3.56 18.41 23.05
N ARG B 87 -4.77 17.87 23.12
CA ARG B 87 -5.91 18.55 23.74
C ARG B 87 -6.41 17.59 24.78
N ALA B 88 -6.55 18.04 26.02
CA ALA B 88 -7.05 17.19 27.11
C ALA B 88 -8.51 16.83 26.91
N LEU B 89 -8.87 15.57 27.08
CA LEU B 89 -10.25 15.09 26.94
C LEU B 89 -10.95 14.88 28.25
N GLN B 90 -10.29 14.15 29.15
CA GLN B 90 -10.82 13.81 30.45
C GLN B 90 -9.72 13.47 31.45
N LEU B 91 -10.12 13.34 32.70
CA LEU B 91 -9.24 12.78 33.72
C LEU B 91 -10.02 11.83 34.59
N HIS B 92 -9.31 10.90 35.18
CA HIS B 92 -9.90 9.89 36.04
C HIS B 92 -8.80 9.43 36.98
N LEU B 93 -9.12 8.52 37.88
CA LEU B 93 -8.22 8.17 38.98
C LEU B 93 -8.22 6.66 39.19
N HIS B 94 -7.14 6.15 39.76
CA HIS B 94 -7.04 4.74 40.14
C HIS B 94 -6.68 4.74 41.59
N TRP B 95 -7.26 3.83 42.36
CA TRP B 95 -7.06 3.80 43.82
C TRP B 95 -7.22 2.42 44.41
N GLY B 96 -6.92 2.30 45.70
CA GLY B 96 -6.87 1.00 46.38
C GLY B 96 -8.05 0.75 47.28
N ALA B 97 -7.77 0.41 48.53
CA ALA B 97 -8.78 0.27 49.58
C ALA B 97 -8.15 0.69 50.90
N ALA B 98 -8.91 0.57 51.98
CA ALA B 98 -8.37 0.87 53.31
C ALA B 98 -7.11 0.03 53.54
N GLY B 99 -5.97 0.71 53.72
CA GLY B 99 -4.68 0.05 54.00
C GLY B 99 -4.11 -0.79 52.86
N ARG B 100 -4.51 -0.46 51.62
CA ARG B 100 -3.95 -1.10 50.43
C ARG B 100 -3.79 -0.02 49.36
N PRO B 101 -2.58 0.14 48.79
CA PRO B 101 -2.39 1.08 47.66
C PRO B 101 -3.00 0.58 46.34
N GLY B 102 -3.35 1.52 45.46
CA GLY B 102 -3.92 1.18 44.15
C GLY B 102 -3.48 2.00 42.94
N SER B 103 -2.24 2.49 42.93
CA SER B 103 -1.67 3.13 41.74
C SER B 103 -1.48 2.06 40.68
N GLU B 104 -1.47 2.46 39.40
CA GLU B 104 -1.28 1.50 38.28
C GLU B 104 0.21 1.23 38.05
N HIS B 105 0.95 2.31 37.87
CA HIS B 105 2.40 2.24 37.74
C HIS B 105 2.97 2.02 39.13
N THR B 106 4.10 1.34 39.17
CA THR B 106 4.87 1.16 40.38
C THR B 106 6.27 1.74 40.15
N VAL B 107 7.00 2.01 41.23
CA VAL B 107 8.38 2.46 41.15
C VAL B 107 9.20 1.49 41.99
N GLU B 108 10.05 0.72 41.32
CA GLU B 108 10.88 -0.29 41.98
C GLU B 108 10.01 -1.25 42.81
N GLY B 109 8.84 -1.63 42.30
CA GLY B 109 7.96 -2.53 43.01
C GLY B 109 7.04 -1.84 44.01
N HIS B 110 7.26 -0.57 44.33
CA HIS B 110 6.39 0.15 45.27
C HIS B 110 5.12 0.64 44.58
N ARG B 111 3.97 0.31 45.17
CA ARG B 111 2.69 0.82 44.68
C ARG B 111 2.24 2.00 45.53
N PHE B 112 1.95 3.12 44.89
CA PHE B 112 1.53 4.33 45.60
C PHE B 112 0.03 4.26 45.95
N PRO B 113 -0.44 5.08 46.91
CA PRO B 113 -1.87 5.05 47.28
C PRO B 113 -2.86 5.20 46.12
N ALA B 114 -2.64 6.16 45.24
CA ALA B 114 -3.51 6.38 44.07
C ALA B 114 -2.76 7.05 42.92
N GLU B 115 -3.43 7.15 41.76
CA GLU B 115 -2.84 7.64 40.53
C GLU B 115 -3.87 8.41 39.74
N ILE B 116 -3.51 9.61 39.30
CA ILE B 116 -4.37 10.40 38.41
C ILE B 116 -3.89 10.25 36.97
N HIS B 117 -4.82 10.06 36.05
CA HIS B 117 -4.52 10.05 34.62
C HIS B 117 -5.27 11.12 33.90
N VAL B 118 -4.56 11.96 33.18
CA VAL B 118 -5.17 12.98 32.34
C VAL B 118 -5.00 12.57 30.87
N VAL B 119 -6.08 12.19 30.21
CA VAL B 119 -6.01 11.67 28.86
C VAL B 119 -6.21 12.77 27.81
N HIS B 120 -5.31 12.80 26.83
CA HIS B 120 -5.32 13.78 25.77
C HIS B 120 -5.28 13.08 24.40
N LEU B 121 -5.73 13.84 23.38
CA LEU B 121 -5.76 13.43 21.99
C LEU B 121 -4.82 14.31 21.19
N SER B 122 -4.04 13.69 20.30
CA SER B 122 -3.17 14.44 19.38
C SER B 122 -3.98 15.36 18.47
N THR B 123 -3.49 16.58 18.23
CA THR B 123 -4.28 17.65 17.58
C THR B 123 -4.80 17.28 16.20
N ALA B 124 -2.93 16.00 15.67
CA ALA B 124 -3.07 15.54 14.29
C ALA B 124 -4.34 14.71 14.03
N PHE B 125 -5.14 14.40 15.06
CA PHE B 125 -6.33 13.57 14.88
C PHE B 125 -7.55 14.36 15.32
N ALA B 126 -8.60 14.33 14.50
CA ALA B 126 -9.87 15.01 14.80
C ALA B 126 -10.76 14.21 15.75
N ARG B 127 -10.64 12.89 15.69
CA ARG B 127 -11.47 11.99 16.49
C ARG B 127 -10.62 11.03 17.28
N VAL B 128 -11.14 10.66 18.45
CA VAL B 128 -10.49 9.73 19.35
C VAL B 128 -10.31 8.38 18.67
N ASP B 129 -11.34 7.95 17.92
CA ASP B 129 -11.32 6.62 17.35
C ASP B 129 -10.33 6.46 16.17
N GLU B 130 -9.90 7.56 15.56
CA GLU B 130 -8.79 7.57 14.58
C GLU B 130 -7.42 7.46 15.27
N ALA B 131 -7.31 8.05 16.45
CA ALA B 131 -6.09 8.00 17.26
C ALA B 131 -5.82 6.63 17.91
N LEU B 132 -6.86 5.83 18.16
CA LEU B 132 -6.68 4.54 18.83
C LEU B 132 -5.82 3.63 18.00
N GLY B 133 -4.80 3.06 18.63
CA GLY B 133 -3.89 2.14 17.97
C GLY B 133 -2.81 2.81 17.14
N ARG B 134 -2.83 4.14 17.05
CA ARG B 134 -1.87 4.87 16.25
C ARG B 134 -0.81 5.46 17.20
N PRO B 135 0.48 5.44 16.79
CA PRO B 135 1.54 5.88 17.69
C PRO B 135 1.43 7.37 18.04
N GLY B 136 1.35 7.67 19.33
CA GLY B 136 1.14 9.02 19.79
C GLY B 136 -0.25 9.62 19.57
N GLY B 137 -1.23 8.83 19.13
CA GLY B 137 -2.59 9.32 18.96
C GLY B 137 -3.17 9.85 20.27
N LEU B 138 -2.95 9.08 21.33
CA LEU B 138 -3.33 9.45 22.68
C LEU B 138 -2.08 9.61 23.56
N ALA B 139 -2.12 10.60 24.45
CA ALA B 139 -1.10 10.79 25.45
C ALA B 139 -1.82 10.92 26.79
N VAL B 140 -1.25 10.28 27.81
CA VAL B 140 -1.73 10.38 29.17
C VAL B 140 -0.65 11.03 30.04
N LEU B 141 -1.05 12.03 30.86
CA LEU B 141 -0.22 12.51 31.99
C LEU B 141 -0.64 11.81 33.27
N ALA B 142 0.34 11.19 33.93
CA ALA B 142 0.11 10.40 35.13
C ALA B 142 0.94 10.99 36.25
N ALA B 143 0.31 11.14 37.40
CA ALA B 143 1.01 11.52 38.64
C ALA B 143 0.60 10.57 39.74
N PHE B 144 1.50 10.31 40.68
CA PHE B 144 1.19 9.48 41.84
C PHE B 144 0.65 10.33 42.98
N LEU B 145 -0.38 9.84 43.67
CA LEU B 145 -0.90 10.49 44.89
C LEU B 145 -0.41 9.75 46.13
N GLU B 146 0.18 10.49 47.07
CA GLU B 146 0.70 9.95 48.36
C GLU B 146 0.00 10.55 49.57
N GLU B 147 0.17 9.92 50.74
CA GLU B 147 -0.31 10.49 52.01
C GLU B 147 0.59 11.64 52.48
N GLY B 148 -0.03 12.77 52.82
CA GLY B 148 0.65 13.95 53.33
C GLY B 148 -0.06 14.56 54.55
N PRO B 149 0.63 15.47 55.26
CA PRO B 149 0.02 16.11 56.42
C PRO B 149 -1.21 16.98 56.12
N GLU B 150 -1.16 17.81 55.08
CA GLU B 150 -2.24 18.78 54.78
C GLU B 150 -3.39 18.18 53.96
N GLU B 151 -4.53 18.84 53.98
CA GLU B 151 -5.59 18.62 52.99
C GLU B 151 -5.17 19.35 51.70
N ASN B 152 -5.30 18.66 50.58
CA ASN B 152 -5.03 19.22 49.25
C ASN B 152 -6.30 19.93 48.77
N SER B 153 -6.22 21.25 48.57
CA SER B 153 -7.40 22.06 48.18
C SER B 153 -7.93 21.66 46.81
N ALA B 154 -7.02 21.50 45.85
CA ALA B 154 -7.38 21.13 44.50
C ALA B 154 -8.14 19.82 44.48
N TYR B 155 -7.69 18.84 45.24
CA TYR B 155 -8.37 17.54 45.24
C TYR B 155 -9.64 17.52 46.05
N GLU B 156 -9.75 18.37 47.06
CA GLU B 156 -11.01 18.46 47.84
C GLU B 156 -12.16 18.97 46.97
N GLN B 157 -11.88 19.82 45.97
CA GLN B 157 -12.91 20.25 45.03
C GLN B 157 -13.62 19.06 44.36
N LEU B 158 -12.88 18.01 44.05
CA LEU B 158 -13.45 16.81 43.45
C LEU B 158 -13.95 15.82 44.49
N LEU B 159 -13.16 15.57 45.53
CA LEU B 159 -13.49 14.51 46.51
C LEU B 159 -14.70 14.83 47.39
N SER B 160 -14.85 16.10 47.75
CA SER B 160 -16.01 16.56 48.52
C SER B 160 -17.33 16.30 47.78
N ARG B 161 -17.29 16.24 46.45
CA ARG B 161 -18.48 15.93 45.64
C ARG B 161 -18.72 14.44 45.33
N LEU B 162 -17.95 13.54 45.94
CA LEU B 162 -18.06 12.11 45.59
C LEU B 162 -19.28 11.41 46.16
N GLU B 163 -19.67 11.73 47.40
CA GLU B 163 -20.94 11.21 47.99
C GLU B 163 -22.14 11.33 47.03
N GLU B 164 -22.24 12.48 46.34
CA GLU B 164 -23.29 12.73 45.34
C GLU B 164 -23.37 11.75 44.15
N ILE B 165 -22.29 11.03 43.85
CA ILE B 165 -22.25 10.13 42.70
C ILE B 165 -21.85 8.74 43.15
N ALA B 166 -22.20 8.39 44.38
CA ALA B 166 -21.83 7.11 44.97
C ALA B 166 -22.34 5.91 44.16
N GLU B 167 -23.48 6.07 43.50
CA GLU B 167 -24.09 4.97 42.78
C GLU B 167 -23.47 4.78 41.41
N GLU B 168 -23.22 3.53 41.04
CA GLU B 168 -22.80 3.16 39.69
C GLU B 168 -23.68 3.92 38.70
N GLY B 169 -23.04 4.66 37.77
CA GLY B 169 -23.75 5.35 36.71
C GLY B 169 -24.11 6.80 36.97
N SER B 170 -24.16 7.22 38.22
CA SER B 170 -24.64 8.57 38.52
C SER B 170 -23.56 9.60 38.23
N GLU B 171 -24.02 10.83 38.01
CA GLU B 171 -23.14 11.94 37.73
C GLU B 171 -23.65 13.23 38.36
N THR B 172 -22.83 14.26 38.30
CA THR B 172 -23.14 15.53 38.90
C THR B 172 -22.41 16.57 38.08
N GLN B 173 -22.51 17.84 38.50
CA GLN B 173 -21.82 18.95 37.85
C GLN B 173 -20.96 19.59 38.93
N VAL B 174 -19.68 19.84 38.62
CA VAL B 174 -18.78 20.53 39.54
C VAL B 174 -18.31 21.82 38.90
N PRO B 175 -18.08 22.87 39.69
CA PRO B 175 -17.53 24.07 39.06
C PRO B 175 -16.12 23.85 38.49
N GLY B 176 -15.81 24.56 37.42
CA GLY B 176 -14.49 24.52 36.84
C GLY B 176 -13.45 24.89 37.86
N LEU B 177 -12.24 24.38 37.65
CA LEU B 177 -11.12 24.49 38.58
C LEU B 177 -9.82 24.51 37.79
N ASP B 178 -8.72 24.82 38.48
CA ASP B 178 -7.39 24.70 37.87
C ASP B 178 -6.94 23.23 37.76
N ILE B 179 -7.05 22.65 36.58
CA ILE B 179 -6.77 21.23 36.41
C ILE B 179 -5.27 20.96 36.66
N SER B 180 -4.42 21.92 36.26
CA SER B 180 -2.98 21.83 36.48
C SER B 180 -2.60 21.83 37.99
N ALA B 181 -3.46 22.41 38.82
CA ALA B 181 -3.29 22.35 40.29
C ALA B 181 -3.27 20.94 40.88
N LEU B 182 -3.91 19.99 40.16
CA LEU B 182 -3.94 18.55 40.52
C LEU B 182 -2.64 17.79 40.21
N LEU B 183 -1.68 18.45 39.57
CA LEU B 183 -0.47 17.83 39.09
C LEU B 183 0.73 18.36 39.89
N PRO B 184 1.87 17.61 39.85
CA PRO B 184 3.03 17.92 40.70
C PRO B 184 3.77 19.20 40.37
N SER B 185 4.74 19.51 41.22
CA SER B 185 5.44 20.78 41.18
C SER B 185 6.30 20.98 39.93
N ASP B 186 7.06 19.96 39.53
CA ASP B 186 8.11 20.15 38.53
C ASP B 186 7.76 19.47 37.21
N PHE B 187 7.45 20.30 36.21
CA PHE B 187 7.08 19.83 34.87
C PHE B 187 8.25 19.44 33.98
N SER B 188 9.48 19.65 34.47
CA SER B 188 10.70 19.23 33.74
C SER B 188 11.21 17.84 34.09
N ARG B 189 10.63 17.21 35.12
CA ARG B 189 11.06 15.91 35.65
C ARG B 189 9.96 14.83 35.51
N TYR B 190 10.18 13.90 34.57
CA TYR B 190 9.23 12.84 34.28
C TYR B 190 9.89 11.63 33.60
N PHE B 191 9.20 10.49 33.69
CA PHE B 191 9.49 9.32 32.91
C PHE B 191 8.54 9.27 31.72
N GLN B 192 8.99 8.66 30.61
CA GLN B 192 8.16 8.54 29.41
C GLN B 192 8.37 7.23 28.69
N TYR B 193 7.28 6.59 28.30
CA TYR B 193 7.36 5.41 27.44
C TYR B 193 6.09 5.29 26.58
N GLU B 194 6.13 4.39 25.60
CA GLU B 194 4.97 4.10 24.78
C GLU B 194 4.35 2.76 25.21
N GLY B 195 3.05 2.79 25.49
CA GLY B 195 2.29 1.60 25.83
C GLY B 195 0.81 1.70 25.47
N SER B 196 -0.06 1.25 26.37
CA SER B 196 -1.46 1.03 26.06
C SER B 196 -2.40 1.71 27.03
N LEU B 197 -3.68 1.70 26.66
CA LEU B 197 -4.76 1.92 27.62
C LEU B 197 -4.80 0.76 28.62
N THR B 198 -5.21 1.03 29.84
CA THR B 198 -5.21 0.01 30.89
C THR B 198 -6.62 -0.54 31.19
N THR B 199 -7.58 -0.32 30.28
CA THR B 199 -8.82 -1.11 30.21
C THR B 199 -9.08 -1.39 28.76
N PRO B 200 -9.95 -2.38 28.45
CA PRO B 200 -10.41 -2.63 27.09
C PRO B 200 -10.83 -1.33 26.41
N PRO B 201 -10.44 -1.08 25.17
CA PRO B 201 -9.81 -2.05 24.27
C PRO B 201 -8.29 -2.27 24.37
N CYS B 202 -7.63 -1.68 25.37
CA CYS B 202 -6.18 -1.81 25.56
C CYS B 202 -5.37 -1.44 24.31
N ALA B 203 -5.82 -0.38 23.64
CA ALA B 203 -5.17 0.07 22.44
C ALA B 203 -3.72 0.48 22.72
N GLN B 204 -2.82 0.13 21.80
CA GLN B 204 -1.40 0.50 21.88
C GLN B 204 -1.10 1.85 21.19
N GLY B 205 0.15 2.30 21.26
CA GLY B 205 0.53 3.62 20.76
C GLY B 205 0.18 4.80 21.67
N VAL B 206 -0.03 4.53 22.96
CA VAL B 206 -0.33 5.57 23.94
C VAL B 206 0.99 6.02 24.54
N ILE B 207 1.23 7.31 24.54
CA ILE B 207 2.41 7.86 25.16
C ILE B 207 2.10 8.20 26.60
N TRP B 208 2.72 7.42 27.49
CA TRP B 208 2.63 7.66 28.94
C TRP B 208 3.78 8.56 29.40
N THR B 209 3.43 9.62 30.12
CA THR B 209 4.39 10.50 30.77
C THR B 209 4.05 10.48 32.27
N VAL B 210 4.98 10.03 33.10
CA VAL B 210 4.74 9.83 34.52
C VAL B 210 5.70 10.75 35.27
N PHE B 211 5.13 11.67 36.05
CA PHE B 211 5.92 12.67 36.76
C PHE B 211 6.79 11.96 37.79
N ASN B 212 8.01 12.49 38.00
CA ASN B 212 8.91 12.02 39.05
C ASN B 212 8.30 12.39 40.40
N GLN B 213 7.89 13.64 40.59
CA GLN B 213 7.37 14.03 41.90
C GLN B 213 5.93 13.60 42.05
N THR B 214 5.50 13.45 43.30
CA THR B 214 4.14 13.07 43.63
C THR B 214 3.32 14.27 44.07
N VAL B 215 2.02 14.06 44.23
CA VAL B 215 1.17 15.01 44.96
C VAL B 215 0.65 14.35 46.23
N MET B 216 0.35 15.20 47.21
CA MET B 216 0.00 14.76 48.55
C MET B 216 -1.46 15.09 48.86
N LEU B 217 -2.13 14.11 49.48
CA LEU B 217 -3.47 14.22 50.00
C LEU B 217 -3.46 13.74 51.46
N SER B 218 -4.35 14.30 52.29
CA SER B 218 -4.54 13.84 53.67
C SER B 218 -4.98 12.38 53.66
N ALA B 219 -4.72 11.68 54.76
CA ALA B 219 -5.21 10.32 54.94
C ALA B 219 -6.73 10.26 54.81
N LYS B 220 -7.41 11.32 55.23
CA LYS B 220 -8.89 11.38 55.11
C LYS B 220 -9.37 11.43 53.64
N GLN B 221 -8.73 12.30 52.87
CA GLN B 221 -8.99 12.40 51.43
C GLN B 221 -8.80 11.07 50.69
N LEU B 222 -7.70 10.38 51.00
CA LEU B 222 -7.45 9.07 50.41
C LEU B 222 -8.47 8.02 50.83
N HIS B 223 -8.96 8.10 52.07
CA HIS B 223 -10.10 7.27 52.49
C HIS B 223 -11.40 7.71 51.81
N THR B 224 -11.64 9.00 51.65
CA THR B 224 -12.82 9.47 50.93
C THR B 224 -12.85 8.86 49.50
N LEU B 225 -11.73 8.98 48.78
CA LEU B 225 -11.60 8.42 47.42
C LEU B 225 -11.84 6.90 47.35
N SER B 226 -11.29 6.17 48.31
CA SER B 226 -11.36 4.70 48.28
C SER B 226 -12.64 4.10 48.89
N ASP B 227 -13.36 4.84 49.72
CA ASP B 227 -14.51 4.28 50.46
C ASP B 227 -15.88 4.84 50.03
N THR B 228 -15.94 5.88 49.20
CA THR B 228 -17.23 6.53 48.89
C THR B 228 -18.04 5.95 47.69
N LEU B 229 -17.38 5.38 46.67
CA LEU B 229 -18.06 5.04 45.41
C LEU B 229 -18.39 3.55 45.30
N TRP B 230 -19.55 3.24 44.71
CA TRP B 230 -19.99 1.84 44.46
C TRP B 230 -19.94 1.49 42.97
N GLY B 231 -19.64 0.21 42.70
CA GLY B 231 -19.52 -0.34 41.33
C GLY B 231 -20.63 -1.33 40.95
N PRO B 232 -20.35 -2.25 39.99
CA PRO B 232 -21.30 -3.27 39.56
C PRO B 232 -21.06 -4.60 40.25
N GLY B 233 -24.10 -5.46 40.51
CA GLY B 233 -24.42 -5.72 41.90
C GLY B 233 -24.05 -4.58 42.83
N ASP B 234 -23.91 -4.90 44.12
CA ASP B 234 -23.55 -3.93 45.16
C ASP B 234 -22.14 -4.23 45.71
N SER B 235 -21.13 -4.02 44.86
CA SER B 235 -19.71 -4.15 45.23
C SER B 235 -19.07 -2.76 45.33
N ARG B 236 -18.04 -2.64 46.15
CA ARG B 236 -17.32 -1.36 46.34
C ARG B 236 -16.38 -1.05 45.17
N LEU B 237 -16.38 0.20 44.69
CA LEU B 237 -15.43 0.61 43.65
C LEU B 237 -14.05 0.86 44.25
N GLN B 238 -13.24 -0.20 44.23
CA GLN B 238 -11.93 -0.23 44.88
C GLN B 238 -10.94 -1.07 44.10
N LEU B 239 -9.66 -0.83 44.34
CA LEU B 239 -8.57 -1.57 43.69
C LEU B 239 -8.77 -1.63 42.17
N ASN B 240 -8.98 -0.46 41.57
CA ASN B 240 -9.37 -0.36 40.15
C ASN B 240 -8.13 -0.09 39.31
N PHE B 241 -7.16 -1.00 39.45
CA PHE B 241 -5.88 -0.91 38.76
C PHE B 241 -5.51 -2.20 38.06
N ARG B 242 -4.90 -2.06 36.89
CA ARG B 242 -4.41 -3.22 36.16
C ARG B 242 -3.08 -3.63 36.72
N ALA B 243 -2.79 -4.93 36.65
CA ALA B 243 -1.50 -5.47 37.01
C ALA B 243 -0.37 -4.98 36.10
N THR B 244 0.83 -5.00 36.67
CA THR B 244 2.05 -4.56 36.03
C THR B 244 2.33 -5.41 34.81
N GLN B 245 2.65 -4.76 33.69
CA GLN B 245 2.93 -5.43 32.40
C GLN B 245 4.41 -5.36 32.05
N PRO B 246 4.96 -6.38 31.36
CA PRO B 246 6.39 -6.40 30.97
C PRO B 246 6.77 -5.37 29.90
N LEU B 247 7.96 -4.80 29.99
CA LEU B 247 8.40 -3.84 28.99
C LEU B 247 8.64 -4.46 27.64
N ASN B 248 9.04 -5.73 27.61
CA ASN B 248 9.30 -6.45 26.36
C ASN B 248 10.26 -5.70 25.45
N GLY B 249 11.35 -5.18 26.03
CA GLY B 249 12.38 -4.52 25.21
C GLY B 249 12.28 -3.01 25.18
N ARG B 250 11.13 -2.47 25.56
CA ARG B 250 10.96 -1.02 25.60
C ARG B 250 11.85 -0.43 26.71
N VAL B 251 12.40 0.75 26.46
CA VAL B 251 13.24 1.43 27.42
C VAL B 251 12.49 2.67 27.87
N ILE B 252 12.19 2.77 29.17
CA ILE B 252 11.61 3.98 29.74
C ILE B 252 12.69 5.09 29.70
N GLU B 253 12.29 6.26 29.21
CA GLU B 253 13.16 7.42 29.18
C GLU B 253 12.89 8.33 30.36
N ALA B 254 13.85 9.20 30.61
CA ALA B 254 13.75 10.17 31.68
C ALA B 254 14.22 11.52 31.19
N SER B 255 13.54 12.55 31.64
CA SER B 255 13.89 13.94 31.33
C SER B 255 14.99 14.52 32.25
N PHE B 256 15.63 13.69 33.08
CA PHE B 256 16.60 14.19 34.05
C PHE B 256 17.67 13.14 34.32
N PRO B 257 18.92 13.58 34.56
CA PRO B 257 20.02 12.63 34.81
C PRO B 257 19.83 11.84 36.10
N SER C 19 -17.03 11.99 -10.97
CA SER C 19 -15.87 11.59 -11.84
C SER C 19 -16.32 11.23 -13.27
N PRO C 20 -15.53 11.63 -14.30
CA PRO C 20 -15.87 11.30 -15.70
C PRO C 20 -16.02 9.80 -15.98
N ALA C 21 -15.18 8.97 -15.35
CA ALA C 21 -15.21 7.51 -15.56
C ALA C 21 -16.52 6.81 -15.14
N CYS C 22 -17.30 7.43 -14.23
CA CYS C 22 -18.67 6.97 -13.89
C CYS C 22 -19.67 7.06 -15.06
N ALA C 23 -19.24 7.67 -16.16
CA ALA C 23 -20.00 7.70 -17.39
C ALA C 23 -19.35 6.82 -18.48
N GLY C 24 -18.66 5.76 -18.09
CA GLY C 24 -18.07 4.83 -19.04
C GLY C 24 -19.05 3.80 -19.55
N ARG C 25 -18.71 3.16 -20.66
CA ARG C 25 -19.54 2.17 -21.32
C ARG C 25 -19.59 0.81 -20.58
N PHE C 26 -18.50 0.47 -19.86
CA PHE C 26 -18.33 -0.87 -19.23
C PHE C 26 -18.27 -0.81 -17.72
N GLN C 27 -19.43 -0.56 -17.15
CA GLN C 27 -19.62 -0.31 -15.72
C GLN C 27 -20.18 -1.53 -14.99
N SER C 28 -20.21 -1.41 -13.66
CA SER C 28 -20.71 -2.47 -12.77
C SER C 28 -21.63 -1.83 -11.74
N PRO C 29 -22.51 -2.59 -11.10
CA PRO C 29 -22.73 -4.02 -11.31
C PRO C 29 -23.60 -4.29 -12.52
N VAL C 30 -23.76 -5.57 -12.84
CA VAL C 30 -24.62 -6.01 -13.94
C VAL C 30 -25.57 -7.10 -13.49
N ASP C 31 -26.59 -7.33 -14.31
CA ASP C 31 -27.47 -8.48 -14.16
C ASP C 31 -26.76 -9.68 -14.79
N ILE C 32 -26.50 -10.71 -14.00
CA ILE C 32 -25.93 -11.94 -14.52
C ILE C 32 -27.06 -12.84 -15.00
N ARG C 33 -27.02 -13.23 -16.28
CA ARG C 33 -27.98 -14.15 -16.89
C ARG C 33 -27.25 -15.43 -17.26
N PRO C 34 -27.28 -16.46 -16.38
CA PRO C 34 -26.45 -17.65 -16.63
C PRO C 34 -26.61 -18.31 -17.99
N GLN C 35 -27.83 -18.25 -18.53
CA GLN C 35 -28.14 -18.70 -19.90
C GLN C 35 -27.13 -18.14 -20.91
N LEU C 36 -26.92 -16.82 -20.88
CA LEU C 36 -26.02 -16.13 -21.81
C LEU C 36 -24.54 -16.11 -21.41
N ALA C 37 -24.18 -16.77 -20.31
CA ALA C 37 -22.80 -16.82 -19.83
C ALA C 37 -22.01 -17.78 -20.69
N ALA C 38 -20.75 -17.48 -20.94
CA ALA C 38 -19.95 -18.31 -21.82
C ALA C 38 -19.12 -19.27 -20.98
N PHE C 39 -19.35 -20.57 -21.11
CA PHE C 39 -18.52 -21.55 -20.39
C PHE C 39 -17.08 -21.50 -20.92
N SER C 40 -16.13 -21.25 -20.00
CA SER C 40 -14.72 -21.06 -20.33
C SER C 40 -13.90 -21.94 -19.41
N PRO C 41 -13.49 -23.12 -19.89
CA PRO C 41 -12.76 -24.03 -19.00
C PRO C 41 -11.34 -23.60 -18.64
N ALA C 42 -10.84 -22.51 -19.22
CA ALA C 42 -9.57 -21.93 -18.77
C ALA C 42 -9.65 -21.36 -17.35
N LEU C 43 -10.86 -21.01 -16.92
CA LEU C 43 -11.06 -20.46 -15.58
C LEU C 43 -10.90 -21.55 -14.51
N ARG C 44 -9.75 -21.55 -13.85
CA ARG C 44 -9.42 -22.55 -12.81
C ARG C 44 -9.99 -22.15 -11.45
N PRO C 45 -9.95 -23.06 -10.46
CA PRO C 45 -10.36 -22.68 -9.11
C PRO C 45 -9.50 -21.58 -8.50
N LEU C 46 -10.12 -20.64 -7.80
CA LEU C 46 -9.40 -19.51 -7.20
C LEU C 46 -8.64 -19.98 -5.99
N GLU C 47 -7.45 -19.43 -5.78
CA GLU C 47 -6.59 -19.82 -4.65
C GLU C 47 -6.28 -18.62 -3.77
N LEU C 48 -6.41 -18.81 -2.47
CA LEU C 48 -6.18 -17.74 -1.48
C LEU C 48 -5.07 -18.17 -0.53
N LEU C 49 -4.08 -17.33 -0.34
CA LEU C 49 -3.05 -17.57 0.66
C LEU C 49 -3.09 -16.44 1.69
N GLY C 50 -3.00 -16.80 2.97
CA GLY C 50 -2.83 -15.81 4.04
C GLY C 50 -4.09 -15.17 4.54
N PHE C 51 -5.24 -15.78 4.23
CA PHE C 51 -6.55 -15.23 4.62
C PHE C 51 -6.98 -15.63 6.04
N GLN C 52 -6.31 -16.65 6.61
CA GLN C 52 -6.66 -17.14 7.94
C GLN C 52 -5.84 -16.32 8.92
N LEU C 53 -6.38 -15.17 9.31
CA LEU C 53 -5.63 -14.21 10.10
C LEU C 53 -5.69 -14.55 11.59
N PRO C 54 -4.58 -14.30 12.31
CA PRO C 54 -4.61 -14.44 13.76
C PRO C 54 -5.35 -13.26 14.40
N PRO C 55 -5.70 -13.38 15.71
CA PRO C 55 -6.39 -12.27 16.39
C PRO C 55 -5.64 -10.96 16.45
N LEU C 56 -4.33 -11.01 16.56
CA LEU C 56 -3.49 -9.79 16.51
C LEU C 56 -2.51 -9.85 15.37
N PRO C 57 -2.26 -8.71 14.69
CA PRO C 57 -2.81 -7.37 15.00
C PRO C 57 -4.29 -7.18 14.65
N GLU C 58 -4.93 -6.25 15.34
CA GLU C 58 -6.32 -5.92 15.05
C GLU C 58 -6.50 -5.19 13.73
N LEU C 59 -7.72 -5.23 13.22
CA LEU C 59 -8.09 -4.64 11.94
C LEU C 59 -9.04 -3.48 12.21
N ARG C 60 -8.98 -2.46 11.36
CA ARG C 60 -9.86 -1.31 11.49
C ARG C 60 -11.13 -1.56 10.69
N LEU C 61 -12.26 -1.55 11.40
CA LEU C 61 -13.61 -1.66 10.86
C LEU C 61 -14.28 -0.30 10.94
N ARG C 62 -14.75 0.22 9.81
CA ARG C 62 -15.17 1.61 9.71
C ARG C 62 -16.55 1.75 9.04
N ASN C 63 -17.41 2.58 9.63
CA ASN C 63 -18.58 3.11 8.96
C ASN C 63 -18.11 4.36 8.19
N ASN C 64 -17.84 4.18 6.90
CA ASN C 64 -17.39 5.29 6.06
C ASN C 64 -18.51 6.20 5.56
N GLY C 65 -19.76 5.92 5.94
CA GLY C 65 -20.91 6.72 5.50
C GLY C 65 -21.75 6.05 4.43
N HIS C 66 -21.12 5.33 3.51
CA HIS C 66 -21.80 4.66 2.39
C HIS C 66 -21.77 3.12 2.54
N SER C 67 -20.79 2.59 3.28
CA SER C 67 -20.71 1.17 3.62
C SER C 67 -19.96 0.95 4.95
N VAL C 68 -19.96 -0.29 5.44
CA VAL C 68 -19.02 -0.72 6.47
C VAL C 68 -17.85 -1.43 5.79
N GLN C 69 -16.63 -0.92 5.97
CA GLN C 69 -15.42 -1.54 5.39
C GLN C 69 -14.52 -2.14 6.48
N LEU C 70 -13.83 -3.22 6.12
CA LEU C 70 -12.77 -3.76 6.96
C LEU C 70 -11.51 -3.64 6.17
N THR C 71 -10.55 -2.87 6.68
CA THR C 71 -9.22 -2.76 6.05
C THR C 71 -8.40 -4.01 6.33
N LEU C 72 -7.86 -4.62 5.28
CA LEU C 72 -7.11 -5.87 5.41
C LEU C 72 -5.61 -5.60 5.54
N PRO C 73 -4.88 -6.48 6.26
CA PRO C 73 -3.44 -6.27 6.41
C PRO C 73 -2.67 -6.78 5.21
N PRO C 74 -1.37 -6.48 5.16
CA PRO C 74 -0.49 -7.05 4.15
C PRO C 74 0.09 -8.35 4.66
N GLY C 75 -0.14 -9.44 2.93
CA GLY C 75 0.16 -10.85 2.89
C GLY C 75 -1.07 -11.69 2.67
N LEU C 76 -2.18 -11.06 2.23
CA LEU C 76 -3.36 -11.80 1.76
C LEU C 76 -3.29 -11.81 0.24
N GLU C 77 -2.97 -12.96 -0.31
CA GLU C 77 -2.65 -13.09 -1.72
C GLU C 77 -3.70 -13.94 -2.37
N MET C 78 -4.08 -13.55 -3.59
CA MET C 78 -5.17 -14.22 -4.31
C MET C 78 -4.78 -14.39 -5.76
N ALA C 79 -5.09 -15.56 -6.31
CA ALA C 79 -4.85 -15.84 -7.71
C ALA C 79 -6.17 -16.09 -8.46
N LEU C 80 -6.38 -15.34 -9.54
CA LEU C 80 -7.50 -15.60 -10.47
C LEU C 80 -7.14 -16.73 -11.43
N GLY C 81 -5.84 -16.96 -11.56
CA GLY C 81 -5.33 -18.12 -12.23
C GLY C 81 -3.87 -18.13 -11.87
N PRO C 82 -2.96 -18.96 -13.75
CA PRO C 82 -1.55 -18.80 -13.42
C PRO C 82 -0.99 -17.49 -13.98
N GLY C 83 -0.26 -16.73 -13.17
CA GLY C 83 0.18 -15.40 -13.56
C GLY C 83 -0.71 -14.25 -13.14
N ARG C 84 -2.00 -14.48 -12.91
CA ARG C 84 -2.93 -13.41 -12.48
C ARG C 84 -3.00 -13.34 -10.95
N GLU C 85 -2.03 -12.64 -10.37
CA GLU C 85 -1.85 -12.61 -8.92
C GLU C 85 -2.22 -11.24 -8.33
N TYR C 86 -2.82 -11.28 -7.15
CA TYR C 86 -3.40 -10.10 -6.51
C TYR C 86 -3.16 -10.08 -5.00
N ARG C 87 -3.28 -8.90 -4.40
CA ARG C 87 -3.18 -8.67 -2.94
C ARG C 87 -4.45 -8.03 -2.42
N ALA C 88 -5.03 -8.57 -1.35
CA ALA C 88 -6.28 -8.05 -0.81
C ALA C 88 -6.04 -6.75 -0.07
N LEU C 89 -6.87 -5.75 -0.34
CA LEU C 89 -6.79 -4.42 0.29
C LEU C 89 -7.86 -4.22 1.35
N GLN C 90 -9.10 -4.55 1.00
CA GLN C 90 -10.20 -4.33 1.93
C GLN C 90 -11.40 -5.16 1.56
N LEU C 91 -12.32 -5.27 2.50
CA LEU C 91 -13.64 -5.77 2.18
C LEU C 91 -14.71 -4.84 2.72
N HIS C 92 -15.89 -4.95 2.12
CA HIS C 92 -17.05 -4.17 2.52
C HIS C 92 -18.31 -4.85 2.03
N LEU C 93 -19.44 -4.29 2.46
CA LEU C 93 -20.73 -4.94 2.28
C LEU C 93 -21.71 -3.97 1.64
N HIS C 94 -22.61 -4.51 0.85
CA HIS C 94 -23.75 -3.73 0.34
C HIS C 94 -24.99 -4.45 0.85
N TRP C 95 -26.01 -3.68 1.22
CA TRP C 95 -27.23 -4.24 1.79
C TRP C 95 -28.47 -3.38 1.53
N GLY C 96 -29.64 -3.89 1.94
CA GLY C 96 -30.90 -3.20 1.70
C GLY C 96 -31.51 -2.54 2.93
N ALA C 97 -32.73 -2.97 3.27
CA ALA C 97 -33.52 -2.42 4.39
C ALA C 97 -34.60 -3.45 4.69
N ALA C 98 -35.46 -3.19 5.68
CA ALA C 98 -36.43 -4.19 6.14
C ALA C 98 -37.23 -4.77 4.95
N GLY C 99 -37.06 -6.06 4.67
CA GLY C 99 -37.72 -6.73 3.54
C GLY C 99 -37.50 -6.20 2.11
N ARG C 100 -36.40 -5.47 1.89
CA ARG C 100 -36.01 -4.98 0.56
C ARG C 100 -34.59 -5.46 0.30
N PRO C 101 -34.36 -6.24 -0.77
CA PRO C 101 -33.03 -6.78 -0.98
C PRO C 101 -32.03 -5.68 -1.40
N GLY C 102 -30.74 -5.94 -1.20
CA GLY C 102 -29.72 -4.89 -1.34
C GLY C 102 -28.44 -5.22 -2.07
N SER C 103 -28.31 -6.40 -2.67
CA SER C 103 -27.10 -6.76 -3.39
C SER C 103 -26.88 -5.84 -4.62
N GLU C 104 -25.67 -5.82 -5.15
CA GLU C 104 -25.35 -4.92 -6.24
C GLU C 104 -25.65 -5.63 -7.55
N HIS C 105 -25.02 -6.79 -7.71
CA HIS C 105 -25.32 -7.70 -8.79
C HIS C 105 -26.69 -8.35 -8.64
N THR C 106 -27.32 -8.66 -9.77
CA THR C 106 -28.56 -9.41 -9.80
C THR C 106 -28.33 -10.69 -10.60
N VAL C 107 -29.19 -11.68 -10.40
CA VAL C 107 -29.18 -12.88 -11.23
C VAL C 107 -30.57 -13.04 -11.85
N GLU C 108 -30.63 -13.01 -13.19
CA GLU C 108 -31.89 -13.00 -13.98
C GLU C 108 -32.93 -12.07 -13.38
N GLY C 109 -32.49 -10.91 -12.90
CA GLY C 109 -33.38 -9.93 -12.28
C GLY C 109 -33.50 -10.00 -10.76
N HIS C 110 -33.24 -11.17 -10.17
CA HIS C 110 -33.32 -11.36 -8.72
C HIS C 110 -32.19 -10.62 -7.98
N ARG C 111 -32.58 -9.77 -7.04
CA ARG C 111 -31.66 -9.11 -6.12
C ARG C 111 -31.61 -9.92 -4.82
N PHE C 112 -30.41 -10.19 -4.34
CA PHE C 112 -30.22 -10.92 -3.09
C PHE C 112 -30.19 -9.91 -1.91
N PRO C 113 -30.40 -10.39 -0.66
CA PRO C 113 -30.46 -9.50 0.52
C PRO C 113 -29.25 -8.55 0.68
N ALA C 114 -28.05 -9.09 0.52
CA ALA C 114 -26.82 -8.30 0.66
C ALA C 114 -25.66 -8.92 -0.15
N GLU C 115 -24.56 -8.18 -0.29
CA GLU C 115 -23.41 -8.67 -1.06
C GLU C 115 -22.13 -8.28 -0.31
N ILE C 116 -21.17 -9.19 -0.29
CA ILE C 116 -19.82 -8.91 0.20
C ILE C 116 -18.84 -8.72 -0.95
N HIS C 117 -18.05 -7.64 -0.89
CA HIS C 117 -16.94 -7.42 -1.82
C HIS C 117 -15.59 -7.48 -1.16
N VAL C 118 -14.65 -8.22 -1.75
CA VAL C 118 -13.25 -8.19 -1.32
C VAL C 118 -12.40 -7.59 -2.46
N VAL C 119 -11.89 -6.37 -2.25
CA VAL C 119 -11.18 -5.65 -3.30
C VAL C 119 -9.70 -5.96 -3.25
N HIS C 120 -9.15 -6.35 -4.40
CA HIS C 120 -7.73 -6.72 -4.53
C HIS C 120 -6.95 -5.84 -5.52
N LEU C 121 -5.65 -5.70 -5.29
CA LEU C 121 -4.76 -4.92 -6.15
C LEU C 121 -3.79 -5.88 -6.80
N SER C 122 -3.57 -5.70 -8.09
CA SER C 122 -2.66 -6.56 -8.84
C SER C 122 -1.21 -6.36 -8.37
N THR C 123 -0.48 -7.47 -8.25
CA THR C 123 0.90 -7.48 -7.77
C THR C 123 1.83 -6.90 -8.78
N ALA C 124 1.17 -6.17 -10.48
CA ALA C 124 2.18 -5.37 -11.13
C ALA C 124 2.16 -3.90 -10.65
N PHE C 125 1.31 -3.59 -9.66
CA PHE C 125 1.07 -2.21 -9.24
C PHE C 125 1.31 -2.04 -7.74
N ALA C 126 2.05 -1.00 -7.39
CA ALA C 126 2.39 -0.74 -6.01
C ALA C 126 1.29 0.03 -5.32
N ARG C 127 0.65 0.94 -6.05
CA ARG C 127 -0.42 1.77 -5.53
C ARG C 127 -1.67 1.63 -6.36
N VAL C 128 -2.79 1.73 -5.68
CA VAL C 128 -4.11 1.85 -6.28
C VAL C 128 -4.20 2.84 -7.42
N ASP C 129 -3.67 4.04 -7.22
CA ASP C 129 -3.80 5.09 -8.24
C ASP C 129 -3.17 4.74 -9.59
N GLU C 130 -2.07 3.98 -9.58
CA GLU C 130 -1.52 3.41 -10.82
C GLU C 130 -2.46 2.36 -11.47
N ALA C 131 -3.24 1.66 -10.64
CA ALA C 131 -4.13 0.60 -11.11
C ALA C 131 -5.48 1.06 -11.67
N LEU C 132 -5.98 2.20 -11.21
CA LEU C 132 -7.31 2.62 -11.61
C LEU C 132 -7.38 2.78 -13.12
N GLY C 133 -8.42 2.23 -13.73
CA GLY C 133 -8.59 2.28 -15.18
C GLY C 133 -7.61 1.46 -16.02
N ARG C 134 -6.73 0.66 -15.39
CA ARG C 134 -5.76 -0.19 -16.12
C ARG C 134 -6.31 -1.61 -16.13
N PRO C 135 -6.18 -2.32 -17.26
CA PRO C 135 -6.79 -3.65 -17.38
C PRO C 135 -6.21 -4.65 -16.38
N GLY C 136 -7.11 -5.24 -15.59
CA GLY C 136 -6.76 -6.16 -14.54
C GLY C 136 -6.11 -5.57 -13.33
N GLY C 137 -6.12 -4.23 -13.22
CA GLY C 137 -5.43 -3.53 -12.13
C GLY C 137 -6.01 -3.87 -10.76
N LEU C 138 -7.33 -3.80 -10.64
CA LEU C 138 -8.05 -4.26 -9.45
C LEU C 138 -8.88 -5.49 -9.78
N ALA C 139 -9.08 -6.34 -8.79
CA ALA C 139 -9.98 -7.50 -8.91
C ALA C 139 -10.86 -7.52 -7.67
N VAL C 140 -12.15 -7.79 -7.85
CA VAL C 140 -13.08 -7.87 -6.73
C VAL C 140 -13.70 -9.27 -6.67
N LEU C 141 -13.60 -9.93 -5.51
CA LEU C 141 -14.33 -11.16 -5.25
C LEU C 141 -15.67 -10.74 -4.62
N ALA C 142 -16.77 -11.21 -5.21
CA ALA C 142 -18.12 -10.86 -4.78
C ALA C 142 -18.93 -12.10 -4.48
N ALA C 143 -19.64 -12.10 -3.35
CA ALA C 143 -20.52 -13.21 -3.00
C ALA C 143 -21.83 -12.66 -2.50
N PHE C 144 -22.91 -13.37 -2.82
CA PHE C 144 -24.23 -12.97 -2.35
C PHE C 144 -24.44 -13.48 -0.94
N LEU C 145 -25.16 -12.73 -0.11
CA LEU C 145 -25.59 -13.21 1.20
C LEU C 145 -27.11 -13.44 1.21
N GLU C 146 -27.53 -14.64 1.56
CA GLU C 146 -28.95 -15.01 1.66
C GLU C 146 -29.33 -15.30 3.10
N GLU C 147 -30.63 -15.20 3.38
CA GLU C 147 -31.19 -15.63 4.66
C GLU C 147 -31.08 -17.14 4.78
N GLY C 148 -30.65 -17.63 5.95
CA GLY C 148 -30.54 -19.06 6.24
C GLY C 148 -31.06 -19.40 7.65
N PRO C 149 -31.20 -20.71 7.95
CA PRO C 149 -31.70 -21.12 9.26
C PRO C 149 -30.67 -20.86 10.38
N GLU C 150 -29.40 -21.26 10.20
CA GLU C 150 -28.35 -21.08 11.24
C GLU C 150 -27.95 -19.61 11.32
N GLU C 151 -27.15 -19.26 12.31
CA GLU C 151 -26.44 -17.99 12.31
C GLU C 151 -24.99 -18.27 11.87
N ASN C 152 -24.44 -17.39 11.02
CA ASN C 152 -23.07 -17.51 10.54
C ASN C 152 -22.15 -16.95 11.61
N SER C 153 -21.33 -17.83 12.18
CA SER C 153 -20.42 -17.39 13.26
C SER C 153 -19.24 -16.56 12.73
N ALA C 154 -18.79 -16.83 11.50
CA ALA C 154 -17.79 -15.99 10.85
C ALA C 154 -18.23 -14.52 10.75
N TYR C 155 -19.45 -14.29 10.25
CA TYR C 155 -19.98 -12.92 10.14
C TYR C 155 -20.35 -12.30 11.47
N GLU C 156 -20.70 -13.11 12.47
CA GLU C 156 -21.09 -12.59 13.79
C GLU C 156 -19.96 -11.85 14.49
N GLN C 157 -18.71 -12.23 14.21
CA GLN C 157 -17.53 -11.48 14.67
C GLN C 157 -17.48 -10.03 14.24
N LEU C 158 -18.05 -9.71 13.08
CA LEU C 158 -18.17 -8.32 12.58
C LEU C 158 -19.49 -7.67 12.91
N LEU C 159 -20.60 -8.38 12.73
CA LEU C 159 -21.93 -7.79 12.95
C LEU C 159 -22.19 -7.45 14.42
N SER C 160 -21.52 -8.18 15.32
CA SER C 160 -21.59 -7.87 16.76
C SER C 160 -20.95 -6.53 17.14
N ARG C 161 -20.09 -6.00 16.27
CA ARG C 161 -19.34 -4.77 16.51
C ARG C 161 -19.92 -3.54 15.83
N LEU C 162 -20.99 -3.71 15.05
CA LEU C 162 -21.55 -2.61 14.30
C LEU C 162 -22.18 -1.55 15.16
N GLU C 163 -22.65 -1.93 16.36
CA GLU C 163 -23.23 -0.95 17.27
C GLU C 163 -22.21 0.13 17.66
N GLU C 164 -20.93 -0.24 17.79
CA GLU C 164 -19.85 0.71 18.13
C GLU C 164 -19.54 1.72 17.02
N ILE C 165 -19.94 1.41 15.79
CA ILE C 165 -19.66 2.29 14.66
C ILE C 165 -20.92 2.80 13.99
N ALA C 166 -21.99 2.89 14.78
CA ALA C 166 -23.29 3.37 14.29
C ALA C 166 -23.13 4.76 13.67
N GLU C 167 -22.40 5.64 14.34
CA GLU C 167 -22.20 6.99 13.81
C GLU C 167 -21.46 6.94 12.48
N GLU C 168 -21.91 7.76 11.54
CA GLU C 168 -21.23 7.93 10.28
C GLU C 168 -19.81 8.45 10.54
N GLY C 169 -18.82 7.86 9.89
CA GLY C 169 -17.41 8.28 9.97
C GLY C 169 -16.59 7.73 11.14
N SER C 170 -17.16 6.75 11.83
CA SER C 170 -16.56 6.21 13.04
C SER C 170 -15.96 4.83 12.77
N GLU C 171 -14.95 4.47 13.55
CA GLU C 171 -14.24 3.20 13.40
C GLU C 171 -13.95 2.54 14.73
N THR C 172 -13.68 1.25 14.64
CA THR C 172 -13.33 0.46 15.79
C THR C 172 -12.28 -0.58 15.37
N GLN C 173 -11.50 -1.06 16.32
CA GLN C 173 -10.48 -2.08 16.05
C GLN C 173 -11.11 -3.42 16.40
N VAL C 174 -10.94 -4.43 15.54
CA VAL C 174 -11.50 -5.75 15.79
C VAL C 174 -10.43 -6.80 15.52
N PRO C 175 -10.44 -7.89 16.29
CA PRO C 175 -9.44 -8.93 16.02
C PRO C 175 -9.52 -9.57 14.65
N GLY C 176 -8.36 -9.97 14.12
CA GLY C 176 -8.32 -10.70 12.86
C GLY C 176 -9.16 -11.96 12.95
N LEU C 177 -9.59 -12.42 11.78
CA LEU C 177 -10.37 -13.62 11.65
C LEU C 177 -10.06 -14.28 10.32
N ASP C 178 -10.55 -15.50 10.15
CA ASP C 178 -10.51 -16.16 8.85
C ASP C 178 -11.35 -15.34 7.86
N ILE C 179 -10.70 -14.55 7.04
CA ILE C 179 -11.40 -13.71 6.07
C ILE C 179 -12.08 -14.60 5.02
N SER C 180 -11.48 -15.75 4.72
CA SER C 180 -12.08 -16.71 3.76
C SER C 180 -13.37 -17.33 4.26
N ALA C 181 -13.55 -17.41 5.58
CA ALA C 181 -14.80 -17.91 6.15
C ALA C 181 -15.97 -16.95 5.96
N LEU C 182 -15.72 -15.74 5.45
CA LEU C 182 -16.80 -14.81 5.04
C LEU C 182 -17.28 -15.05 3.60
N LEU C 183 -16.57 -15.90 2.87
CA LEU C 183 -16.87 -16.19 1.49
C LEU C 183 -17.39 -17.63 1.41
N PRO C 184 -17.96 -18.03 0.25
CA PRO C 184 -18.42 -19.41 0.09
C PRO C 184 -17.28 -20.41 0.03
N SER C 185 -17.58 -21.67 0.32
CA SER C 185 -16.58 -22.75 0.33
C SER C 185 -16.17 -23.27 -1.05
N ASP C 186 -17.00 -23.06 -2.08
CA ASP C 186 -16.71 -23.51 -3.47
C ASP C 186 -16.01 -22.39 -4.28
N PHE C 187 -14.70 -22.51 -4.44
CA PHE C 187 -13.87 -21.59 -5.22
C PHE C 187 -13.73 -21.98 -6.69
N SER C 188 -14.39 -23.07 -7.11
CA SER C 188 -14.30 -23.54 -8.50
C SER C 188 -15.44 -23.03 -9.41
N ARG C 189 -16.59 -22.67 -8.80
CA ARG C 189 -17.79 -22.23 -9.56
C ARG C 189 -18.09 -20.72 -9.39
N TYR C 190 -17.90 -19.97 -10.47
CA TYR C 190 -18.09 -18.53 -10.47
C TYR C 190 -18.30 -18.01 -11.86
N PHE C 191 -18.80 -16.78 -11.93
CA PHE C 191 -18.86 -15.98 -13.13
C PHE C 191 -17.74 -14.93 -13.06
N GLN C 192 -17.26 -14.49 -14.23
CA GLN C 192 -16.22 -13.47 -14.31
C GLN C 192 -16.44 -12.49 -15.49
N TYR C 193 -16.33 -11.19 -15.23
CA TYR C 193 -16.47 -10.17 -16.29
C TYR C 193 -15.59 -8.97 -16.00
N GLU C 194 -15.37 -8.14 -17.01
CA GLU C 194 -14.57 -6.94 -16.87
C GLU C 194 -15.50 -5.75 -16.72
N GLY C 195 -15.37 -5.07 -15.58
CA GLY C 195 -16.29 -4.03 -15.19
C GLY C 195 -15.61 -2.83 -14.57
N SER C 196 -16.29 -2.20 -13.62
CA SER C 196 -15.82 -0.99 -12.97
C SER C 196 -16.04 -1.05 -11.47
N LEU C 197 -15.49 -0.06 -10.78
CA LEU C 197 -15.86 0.21 -9.39
C LEU C 197 -17.26 0.80 -9.41
N THR C 198 -17.99 0.61 -8.31
CA THR C 198 -19.39 0.97 -8.25
C THR C 198 -19.64 2.18 -7.37
N THR C 199 -18.58 2.95 -7.12
CA THR C 199 -18.64 4.24 -6.43
C THR C 199 -17.54 5.09 -7.09
N PRO C 200 -17.68 6.43 -7.08
CA PRO C 200 -16.65 7.28 -7.70
C PRO C 200 -15.25 7.02 -7.17
N PRO C 201 -14.23 6.98 -8.05
CA PRO C 201 -14.29 7.38 -9.45
C PRO C 201 -14.85 6.38 -10.49
N CYS C 202 -15.40 5.24 -10.08
CA CYS C 202 -15.99 4.25 -11.01
C CYS C 202 -15.04 3.80 -12.13
N ALA C 203 -13.76 3.64 -11.82
CA ALA C 203 -12.79 3.31 -12.84
C ALA C 203 -13.01 1.91 -13.41
N GLN C 204 -12.84 1.79 -14.72
CA GLN C 204 -13.02 0.52 -15.40
C GLN C 204 -11.72 -0.31 -15.31
N GLY C 205 -11.70 -1.47 -15.95
CA GLY C 205 -10.56 -2.36 -15.90
C GLY C 205 -10.56 -3.30 -14.72
N VAL C 206 -11.68 -3.38 -14.00
CA VAL C 206 -11.77 -4.21 -12.80
C VAL C 206 -12.28 -5.60 -13.13
N ILE C 207 -11.51 -6.64 -12.81
CA ILE C 207 -12.01 -8.01 -12.95
C ILE C 207 -12.97 -8.33 -11.79
N TRP C 208 -14.25 -8.52 -12.10
CA TRP C 208 -15.21 -8.99 -11.11
C TRP C 208 -15.33 -10.49 -11.21
N THR C 209 -15.21 -11.16 -10.08
CA THR C 209 -15.46 -12.59 -9.97
C THR C 209 -16.63 -12.80 -8.99
N VAL C 210 -17.75 -13.32 -9.48
CA VAL C 210 -18.98 -13.47 -8.68
C VAL C 210 -19.26 -14.97 -8.45
N PHE C 211 -19.26 -15.38 -7.18
CA PHE C 211 -19.40 -16.80 -6.84
C PHE C 211 -20.81 -17.29 -7.15
N ASN C 212 -20.89 -18.56 -7.58
CA ASN C 212 -22.17 -19.29 -7.81
C ASN C 212 -22.86 -19.57 -6.47
N GLN C 213 -22.11 -20.14 -5.54
CA GLN C 213 -22.60 -20.50 -4.22
C GLN C 213 -22.82 -19.22 -3.39
N THR C 214 -23.82 -19.22 -2.51
CA THR C 214 -24.05 -18.10 -1.59
C THR C 214 -23.59 -18.41 -0.17
N VAL C 215 -23.66 -17.38 0.67
CA VAL C 215 -23.31 -17.46 2.07
C VAL C 215 -24.59 -17.17 2.84
N MET C 216 -24.84 -17.97 3.88
CA MET C 216 -26.09 -17.94 4.64
C MET C 216 -25.94 -17.12 5.93
N LEU C 217 -26.75 -16.08 6.08
CA LEU C 217 -26.84 -15.32 7.33
C LEU C 217 -28.24 -15.53 7.91
N SER C 218 -28.38 -15.43 9.24
CA SER C 218 -29.70 -15.51 9.88
C SER C 218 -30.48 -14.25 9.59
N ALA C 219 -31.76 -14.28 9.90
CA ALA C 219 -32.64 -13.14 9.67
C ALA C 219 -32.21 -12.01 10.59
N LYS C 220 -31.93 -12.38 11.84
CA LYS C 220 -31.38 -11.47 12.87
C LYS C 220 -30.13 -10.71 12.33
N GLN C 221 -29.12 -11.47 11.90
CA GLN C 221 -27.88 -10.94 11.32
C GLN C 221 -28.12 -9.93 10.17
N LEU C 222 -28.91 -10.33 9.19
CA LEU C 222 -29.27 -9.43 8.08
C LEU C 222 -29.98 -8.19 8.56
N HIS C 223 -30.78 -8.31 9.61
CA HIS C 223 -31.44 -7.17 10.22
C HIS C 223 -30.42 -6.31 11.00
N THR C 224 -29.48 -6.96 11.70
CA THR C 224 -28.39 -6.20 12.34
C THR C 224 -27.60 -5.37 11.30
N LEU C 225 -27.18 -6.01 10.20
CA LEU C 225 -26.44 -5.33 9.13
C LEU C 225 -27.18 -4.12 8.58
N SER C 226 -28.46 -4.29 8.29
CA SER C 226 -29.25 -3.27 7.61
C SER C 226 -29.85 -2.19 8.52
N ASP C 227 -29.95 -2.46 9.82
CA ASP C 227 -30.66 -1.55 10.74
C ASP C 227 -29.77 -0.83 11.79
N THR C 228 -28.47 -1.13 11.84
CA THR C 228 -27.61 -0.59 12.91
C THR C 228 -26.90 0.73 12.54
N LEU C 229 -26.45 0.86 11.29
CA LEU C 229 -25.57 1.98 10.90
C LEU C 229 -26.32 3.15 10.32
N TRP C 230 -25.69 4.33 10.44
CA TRP C 230 -26.26 5.61 10.02
C TRP C 230 -25.35 6.30 8.98
N GLY C 231 -25.97 7.02 8.06
CA GLY C 231 -25.27 7.73 6.98
C GLY C 231 -25.26 9.24 7.19
N PRO C 232 -25.05 10.02 6.11
CA PRO C 232 -25.11 11.49 6.17
C PRO C 232 -26.50 12.02 5.90
N GLY C 233 -25.83 14.14 8.38
CA GLY C 233 -26.85 14.32 9.41
C GLY C 233 -27.54 13.02 9.77
N ASP C 234 -28.81 13.11 10.18
CA ASP C 234 -29.62 11.94 10.55
C ASP C 234 -30.20 11.29 9.28
N SER C 235 -29.75 10.08 8.94
CA SER C 235 -30.38 9.22 7.91
C SER C 235 -29.79 7.81 7.99
N ARG C 236 -30.62 6.78 7.90
CA ARG C 236 -30.14 5.39 7.99
C ARG C 236 -29.24 4.99 6.83
N LEU C 237 -28.33 4.06 7.08
CA LEU C 237 -27.41 3.57 6.04
C LEU C 237 -27.96 2.26 5.50
N GLN C 238 -28.69 2.40 4.40
CA GLN C 238 -29.47 1.32 3.82
C GLN C 238 -29.49 1.45 2.31
N LEU C 239 -29.77 0.36 1.63
CA LEU C 239 -29.93 0.41 0.17
C LEU C 239 -28.71 1.13 -0.43
N ASN C 240 -27.53 0.58 -0.17
CA ASN C 240 -26.25 1.18 -0.58
C ASN C 240 -25.64 0.40 -1.75
N PHE C 241 -26.48 0.18 -2.77
CA PHE C 241 -26.10 -0.49 -4.01
C PHE C 241 -26.32 0.45 -5.17
N ARG C 242 -25.50 0.31 -6.18
CA ARG C 242 -25.65 1.05 -7.42
C ARG C 242 -26.66 0.30 -8.32
N ALA C 243 -27.44 1.07 -9.08
CA ALA C 243 -28.29 0.57 -10.15
C ALA C 243 -27.53 -0.34 -11.13
N THR C 244 -28.12 -1.50 -11.45
CA THR C 244 -27.63 -2.38 -12.51
C THR C 244 -27.26 -1.60 -13.76
N GLN C 245 -26.14 -1.97 -14.38
CA GLN C 245 -25.60 -1.30 -15.57
C GLN C 245 -25.61 -2.27 -16.75
N PRO C 246 -25.84 -1.76 -17.96
CA PRO C 246 -25.95 -2.68 -19.10
C PRO C 246 -24.61 -3.29 -19.46
N LEU C 247 -24.63 -4.53 -19.93
CA LEU C 247 -23.42 -5.19 -20.36
C LEU C 247 -22.70 -4.54 -21.56
N ASN C 248 -23.48 -3.88 -22.42
CA ASN C 248 -22.96 -3.20 -23.61
C ASN C 248 -22.06 -4.07 -24.49
N GLY C 249 -22.45 -5.32 -24.68
CA GLY C 249 -21.70 -6.28 -25.49
C GLY C 249 -20.62 -7.09 -24.81
N ARG C 250 -20.37 -6.83 -23.52
CA ARG C 250 -19.46 -7.67 -22.75
C ARG C 250 -20.11 -9.03 -22.58
N VAL C 251 -19.27 -10.06 -22.63
CA VAL C 251 -19.70 -11.42 -22.34
C VAL C 251 -19.26 -11.82 -20.94
N ILE C 252 -20.18 -12.29 -20.12
CA ILE C 252 -19.84 -12.80 -18.81
C ILE C 252 -19.42 -14.24 -18.97
N GLU C 253 -18.23 -14.58 -18.49
CA GLU C 253 -17.77 -15.97 -18.51
C GLU C 253 -18.23 -16.73 -17.24
N ALA C 254 -18.32 -18.06 -17.36
CA ALA C 254 -18.61 -18.99 -16.27
C ALA C 254 -17.49 -20.05 -16.16
N SER C 255 -17.10 -20.40 -14.95
CA SER C 255 -16.10 -21.45 -14.74
C SER C 255 -16.70 -22.84 -14.86
N PHE C 256 -18.03 -22.91 -14.97
CA PHE C 256 -18.77 -24.17 -14.95
C PHE C 256 -19.82 -24.24 -16.08
N PRO C 257 -20.02 -25.44 -16.66
CA PRO C 257 -20.94 -25.60 -17.80
C PRO C 257 -22.44 -25.46 -17.46
N SER D 19 19.61 -11.44 -18.29
CA SER D 19 18.38 -10.87 -17.70
C SER D 19 17.70 -11.94 -16.86
N PRO D 20 17.67 -11.77 -15.53
CA PRO D 20 16.87 -12.68 -14.70
C PRO D 20 15.36 -12.73 -15.03
N ALA D 21 14.85 -11.69 -15.68
CA ALA D 21 13.48 -11.65 -16.21
C ALA D 21 13.23 -12.80 -17.17
N CYS D 22 14.22 -13.10 -18.00
CA CYS D 22 14.09 -14.16 -19.00
C CYS D 22 13.95 -15.58 -18.43
N ALA D 23 14.20 -15.75 -17.13
CA ALA D 23 13.89 -16.97 -16.39
C ALA D 23 12.56 -16.89 -15.63
N GLY D 24 11.69 -15.96 -16.02
CA GLY D 24 10.37 -15.86 -15.40
C GLY D 24 9.54 -17.12 -15.59
N ARG D 25 8.45 -17.19 -14.85
CA ARG D 25 7.59 -18.38 -14.83
C ARG D 25 6.64 -18.51 -16.06
N PHE D 26 6.33 -17.39 -16.73
CA PHE D 26 5.33 -17.33 -17.81
C PHE D 26 5.92 -16.64 -19.01
N GLN D 27 6.84 -17.34 -19.68
CA GLN D 27 7.56 -16.74 -20.80
C GLN D 27 6.92 -17.17 -22.10
N SER D 28 7.38 -16.53 -23.17
CA SER D 28 6.98 -16.83 -24.54
C SER D 28 8.27 -17.07 -25.30
N PRO D 29 8.25 -17.80 -26.41
CA PRO D 29 7.05 -18.37 -27.02
C PRO D 29 6.68 -19.70 -26.38
N VAL D 30 5.52 -20.25 -26.75
CA VAL D 30 5.07 -21.55 -26.28
C VAL D 30 4.79 -22.46 -27.46
N ASP D 31 4.66 -23.75 -27.17
CA ASP D 31 4.19 -24.72 -28.13
C ASP D 31 2.68 -24.82 -27.94
N ILE D 32 1.92 -24.55 -29.00
CA ILE D 32 0.46 -24.65 -28.97
C ILE D 32 0.05 -26.08 -29.28
N ARG D 33 -0.83 -26.64 -28.45
CA ARG D 33 -1.40 -27.95 -28.67
C ARG D 33 -2.92 -27.73 -28.80
N PRO D 34 -3.44 -27.65 -30.05
CA PRO D 34 -4.85 -27.34 -30.26
C PRO D 34 -5.84 -28.27 -29.55
N GLN D 35 -5.42 -29.51 -29.32
CA GLN D 35 -6.25 -30.51 -28.61
C GLN D 35 -6.48 -30.12 -27.12
N LEU D 36 -5.56 -29.39 -26.54
CA LEU D 36 -5.66 -28.97 -25.14
C LEU D 36 -6.02 -27.49 -24.96
N ALA D 37 -6.17 -26.76 -26.06
CA ALA D 37 -6.65 -25.39 -25.98
C ALA D 37 -8.09 -25.33 -25.45
N ALA D 38 -8.44 -24.22 -24.82
CA ALA D 38 -9.72 -24.05 -24.17
C ALA D 38 -10.58 -23.11 -24.99
N PHE D 39 -11.66 -23.63 -25.57
CA PHE D 39 -12.57 -22.81 -26.37
C PHE D 39 -13.30 -21.86 -25.46
N SER D 40 -13.04 -20.56 -25.59
CA SER D 40 -13.88 -19.54 -24.94
C SER D 40 -14.65 -18.72 -25.96
N PRO D 41 -15.99 -18.89 -26.02
CA PRO D 41 -16.90 -18.05 -26.83
C PRO D 41 -16.81 -16.54 -26.60
N ALA D 42 -16.30 -16.14 -25.43
CA ALA D 42 -16.15 -14.71 -25.14
C ALA D 42 -15.13 -14.01 -26.06
N LEU D 43 -14.21 -14.79 -26.64
CA LEU D 43 -13.22 -14.24 -27.55
C LEU D 43 -13.87 -13.87 -28.86
N ARG D 44 -13.99 -12.56 -29.13
CA ARG D 44 -14.71 -12.03 -30.28
C ARG D 44 -13.71 -11.72 -31.40
N PRO D 45 -14.20 -11.49 -32.63
CA PRO D 45 -13.23 -11.22 -33.69
C PRO D 45 -12.42 -9.94 -33.42
N LEU D 46 -11.16 -9.95 -33.81
CA LEU D 46 -10.27 -8.82 -33.57
C LEU D 46 -10.71 -7.63 -34.41
N GLU D 47 -10.54 -6.42 -33.90
CA GLU D 47 -10.88 -5.22 -34.62
C GLU D 47 -9.60 -4.43 -34.85
N LEU D 48 -9.27 -4.18 -36.13
CA LEU D 48 -8.13 -3.37 -36.52
C LEU D 48 -8.56 -2.21 -37.42
N LEU D 49 -8.45 -0.99 -36.92
CA LEU D 49 -8.71 0.22 -37.71
C LEU D 49 -7.48 1.09 -37.88
N GLY D 50 -7.42 1.82 -39.00
CA GLY D 50 -6.33 2.74 -39.30
C GLY D 50 -5.11 2.09 -39.90
N PHE D 51 -5.19 0.80 -40.20
CA PHE D 51 -4.04 0.04 -40.69
C PHE D 51 -3.80 0.22 -42.19
N GLN D 52 -4.76 0.82 -42.91
CA GLN D 52 -4.60 1.04 -44.35
C GLN D 52 -3.87 2.37 -44.55
N LEU D 53 -2.54 2.34 -44.49
CA LEU D 53 -1.74 3.55 -44.52
C LEU D 53 -1.56 4.07 -45.94
N PRO D 54 -1.59 5.41 -46.12
CA PRO D 54 -1.31 5.96 -47.43
C PRO D 54 0.18 5.87 -47.78
N PRO D 55 0.56 6.16 -49.04
CA PRO D 55 1.98 6.10 -49.37
C PRO D 55 2.87 7.09 -48.58
N LEU D 56 2.33 8.24 -48.13
CA LEU D 56 3.10 9.24 -47.35
C LEU D 56 2.36 9.67 -46.07
N PRO D 57 3.09 9.82 -44.95
CA PRO D 57 4.54 9.76 -44.77
C PRO D 57 5.12 8.36 -44.92
N GLU D 58 6.43 8.29 -45.17
CA GLU D 58 7.14 7.02 -45.34
C GLU D 58 7.56 6.49 -43.97
N LEU D 59 7.71 5.17 -43.86
CA LEU D 59 7.97 4.48 -42.59
C LEU D 59 9.42 4.04 -42.47
N ARG D 60 9.96 4.16 -41.26
CA ARG D 60 11.34 3.74 -40.99
C ARG D 60 11.39 2.20 -40.98
N LEU D 61 12.12 1.60 -41.92
CA LEU D 61 12.40 0.16 -41.91
C LEU D 61 13.88 -0.01 -41.55
N ARG D 62 14.19 -0.93 -40.66
CA ARG D 62 15.52 -0.94 -40.04
C ARG D 62 16.00 -2.35 -39.70
N ASN D 63 17.22 -2.68 -40.14
CA ASN D 63 17.92 -3.87 -39.65
C ASN D 63 18.52 -3.48 -38.32
N ASN D 64 18.10 -4.15 -37.26
CA ASN D 64 18.51 -3.79 -35.89
C ASN D 64 19.57 -4.75 -35.33
N GLY D 65 19.97 -5.74 -36.11
CA GLY D 65 20.97 -6.70 -35.69
C GLY D 65 20.39 -8.04 -35.32
N HIS D 66 19.21 -8.05 -34.71
CA HIS D 66 18.54 -9.31 -34.38
C HIS D 66 17.21 -9.54 -35.15
N SER D 67 16.69 -8.53 -35.83
CA SER D 67 15.50 -8.67 -36.69
C SER D 67 15.42 -7.52 -37.67
N VAL D 68 14.45 -7.55 -38.57
CA VAL D 68 14.07 -6.36 -39.34
C VAL D 68 12.77 -5.83 -38.74
N GLN D 69 12.72 -4.52 -38.51
CA GLN D 69 11.63 -3.87 -37.80
C GLN D 69 11.06 -2.70 -38.62
N LEU D 70 9.73 -2.56 -38.60
CA LEU D 70 9.05 -1.41 -39.21
C LEU D 70 8.38 -0.57 -38.12
N THR D 71 8.68 0.71 -38.06
CA THR D 71 8.06 1.60 -37.09
C THR D 71 6.74 2.10 -37.67
N LEU D 72 5.68 1.89 -36.90
CA LEU D 72 4.33 2.21 -37.30
C LEU D 72 3.92 3.57 -36.72
N PRO D 73 3.16 4.36 -37.52
CA PRO D 73 2.79 5.71 -37.12
C PRO D 73 1.64 5.74 -36.11
N PRO D 74 1.36 6.93 -35.53
CA PRO D 74 0.23 7.09 -34.63
C PRO D 74 -1.00 7.45 -35.44
N GLY D 75 -2.32 5.89 -34.78
CA GLY D 75 -3.61 5.86 -35.42
C GLY D 75 -4.01 4.48 -35.87
N LEU D 76 -3.14 3.48 -35.64
CA LEU D 76 -3.48 2.09 -35.89
C LEU D 76 -4.05 1.53 -34.61
N GLU D 77 -5.38 1.50 -34.52
CA GLU D 77 -6.09 1.12 -33.33
C GLU D 77 -6.56 -0.31 -33.43
N MET D 78 -6.48 -1.04 -32.33
CA MET D 78 -6.77 -2.48 -32.31
C MET D 78 -7.58 -2.83 -31.05
N ALA D 79 -8.40 -3.86 -31.12
CA ALA D 79 -9.17 -4.28 -29.95
C ALA D 79 -9.18 -5.79 -29.83
N LEU D 80 -8.84 -6.28 -28.63
CA LEU D 80 -8.90 -7.70 -28.33
C LEU D 80 -10.27 -8.09 -27.84
N GLY D 81 -11.11 -7.10 -27.58
CA GLY D 81 -12.30 -7.31 -26.83
C GLY D 81 -12.48 -5.97 -26.18
N PRO D 82 -14.67 -5.75 -26.13
CA PRO D 82 -15.18 -4.49 -25.63
C PRO D 82 -14.28 -3.83 -24.57
N GLY D 83 -13.74 -2.65 -24.89
CA GLY D 83 -12.96 -1.83 -23.94
C GLY D 83 -11.48 -2.13 -23.73
N ARG D 84 -10.96 -3.17 -24.41
CA ARG D 84 -9.57 -3.59 -24.32
C ARG D 84 -8.88 -3.17 -25.62
N GLU D 85 -8.65 -1.87 -25.75
CA GLU D 85 -8.14 -1.28 -26.97
C GLU D 85 -6.65 -1.06 -26.87
N TYR D 86 -6.00 -0.98 -28.03
CA TYR D 86 -4.52 -0.94 -28.16
C TYR D 86 -4.15 -0.07 -29.35
N ARG D 87 -2.89 0.32 -29.45
CA ARG D 87 -2.41 1.09 -30.62
C ARG D 87 -1.09 0.52 -31.09
N ALA D 88 -0.93 0.31 -32.40
CA ALA D 88 0.24 -0.43 -32.92
C ALA D 88 1.51 0.43 -32.85
N LEU D 89 2.62 -0.20 -32.47
CA LEU D 89 3.91 0.50 -32.31
C LEU D 89 4.89 0.16 -33.41
N GLN D 90 5.03 -1.15 -33.65
CA GLN D 90 5.90 -1.66 -34.68
C GLN D 90 5.58 -3.09 -35.07
N LEU D 91 6.22 -3.54 -36.14
CA LEU D 91 6.21 -4.94 -36.48
C LEU D 91 7.60 -5.41 -36.86
N HIS D 92 7.82 -6.69 -36.71
CA HIS D 92 9.12 -7.29 -36.98
C HIS D 92 8.91 -8.78 -37.29
N LEU D 93 9.98 -9.44 -37.73
CA LEU D 93 9.89 -10.82 -38.18
C LEU D 93 10.88 -11.74 -37.48
N HIS D 94 10.56 -13.03 -37.41
CA HIS D 94 11.50 -14.09 -36.97
C HIS D 94 11.50 -15.19 -38.03
N TRP D 95 12.67 -15.71 -38.35
CA TRP D 95 12.81 -16.67 -39.45
C TRP D 95 13.99 -17.62 -39.23
N GLY D 96 14.07 -18.64 -40.07
CA GLY D 96 15.09 -19.68 -39.96
C GLY D 96 16.30 -19.41 -40.84
N ALA D 97 16.70 -20.42 -41.61
CA ALA D 97 17.74 -20.29 -42.65
C ALA D 97 17.35 -21.17 -43.82
N ALA D 98 18.19 -21.18 -44.86
CA ALA D 98 17.99 -22.07 -46.02
C ALA D 98 17.71 -23.51 -45.55
N GLY D 99 16.57 -24.07 -45.95
CA GLY D 99 16.17 -25.42 -45.57
C GLY D 99 15.94 -25.69 -44.08
N ARG D 100 15.78 -24.64 -43.27
CA ARG D 100 15.40 -24.83 -41.85
C ARG D 100 14.43 -23.73 -41.34
N PRO D 101 13.31 -24.14 -40.72
CA PRO D 101 12.31 -23.18 -40.24
C PRO D 101 12.78 -22.41 -39.00
N GLY D 102 12.19 -21.23 -38.78
CA GLY D 102 12.52 -20.38 -37.63
C GLY D 102 11.40 -19.49 -37.12
N SER D 103 10.18 -20.01 -37.06
CA SER D 103 9.09 -19.33 -36.34
C SER D 103 9.34 -19.50 -34.85
N GLU D 104 8.79 -18.58 -34.05
CA GLU D 104 8.96 -18.64 -32.60
C GLU D 104 8.02 -19.66 -31.98
N HIS D 105 6.73 -19.47 -32.25
CA HIS D 105 5.68 -20.38 -31.80
C HIS D 105 5.70 -21.66 -32.65
N THR D 106 5.32 -22.77 -32.03
CA THR D 106 5.22 -24.05 -32.71
C THR D 106 3.84 -24.64 -32.38
N VAL D 107 3.38 -25.53 -33.25
CA VAL D 107 2.05 -26.14 -33.11
C VAL D 107 2.25 -27.66 -33.13
N GLU D 108 2.01 -28.30 -31.97
CA GLU D 108 2.23 -29.73 -31.76
C GLU D 108 3.67 -30.16 -32.12
N GLY D 109 4.63 -29.29 -31.87
CA GLY D 109 6.00 -29.55 -32.26
C GLY D 109 6.39 -28.96 -33.60
N HIS D 110 5.43 -28.76 -34.51
CA HIS D 110 5.77 -28.20 -35.83
C HIS D 110 6.18 -26.72 -35.78
N ARG D 111 7.42 -26.45 -36.18
CA ARG D 111 7.90 -25.09 -36.41
C ARG D 111 7.66 -24.69 -37.87
N PHE D 112 7.14 -23.48 -38.07
CA PHE D 112 6.85 -22.93 -39.39
C PHE D 112 8.04 -22.12 -39.92
N PRO D 113 8.09 -21.89 -41.24
CA PRO D 113 9.24 -21.19 -41.82
C PRO D 113 9.56 -19.85 -41.17
N ALA D 114 8.55 -19.01 -40.96
CA ALA D 114 8.75 -17.66 -40.36
C ALA D 114 7.51 -17.20 -39.59
N GLU D 115 7.58 -16.00 -39.01
CA GLU D 115 6.52 -15.51 -38.11
C GLU D 115 6.54 -14.02 -38.08
N ILE D 116 5.37 -13.40 -38.20
CA ILE D 116 5.26 -11.95 -38.07
C ILE D 116 4.68 -11.57 -36.69
N HIS D 117 5.24 -10.53 -36.08
CA HIS D 117 4.76 -10.03 -34.78
C HIS D 117 4.46 -8.58 -34.96
N VAL D 118 3.24 -8.18 -34.59
CA VAL D 118 2.82 -6.77 -34.59
C VAL D 118 2.57 -6.41 -33.14
N VAL D 119 3.35 -5.44 -32.64
CA VAL D 119 3.44 -5.14 -31.23
C VAL D 119 2.63 -3.87 -30.92
N HIS D 120 1.72 -3.98 -29.95
CA HIS D 120 0.84 -2.88 -29.57
C HIS D 120 0.96 -2.52 -28.09
N LEU D 121 0.66 -1.25 -27.80
CA LEU D 121 0.58 -0.70 -26.47
C LEU D 121 -0.87 -0.45 -26.11
N SER D 122 -1.28 -0.90 -24.95
CA SER D 122 -2.63 -0.61 -24.41
C SER D 122 -2.91 0.89 -24.30
N THR D 123 -4.07 1.30 -24.74
CA THR D 123 -4.46 2.71 -24.80
C THR D 123 -5.03 3.11 -23.47
N ALA D 124 -4.63 1.94 -21.78
CA ALA D 124 -4.58 2.59 -20.49
C ALA D 124 -3.24 3.23 -20.21
N PHE D 125 -2.26 3.06 -21.10
CA PHE D 125 -0.89 3.49 -20.82
C PHE D 125 -0.36 4.50 -21.85
N ALA D 126 0.18 5.62 -21.37
CA ALA D 126 0.66 6.68 -22.26
C ALA D 126 1.99 6.34 -22.90
N ARG D 127 2.77 5.46 -22.27
CA ARG D 127 4.12 5.15 -22.72
C ARG D 127 4.38 3.67 -22.55
N VAL D 128 5.20 3.13 -23.46
CA VAL D 128 5.54 1.72 -23.43
C VAL D 128 6.12 1.33 -22.08
N ASP D 129 6.97 2.18 -21.51
CA ASP D 129 7.70 1.76 -20.30
C ASP D 129 6.80 1.63 -19.08
N GLU D 130 5.73 2.42 -19.01
CA GLU D 130 4.68 2.17 -18.03
C GLU D 130 4.01 0.81 -18.23
N ALA D 131 3.90 0.35 -19.47
CA ALA D 131 3.19 -0.89 -19.79
C ALA D 131 3.99 -2.21 -19.60
N LEU D 132 5.32 -2.14 -19.67
CA LEU D 132 6.17 -3.33 -19.48
C LEU D 132 5.95 -3.95 -18.13
N GLY D 133 5.68 -5.26 -18.10
CA GLY D 133 5.41 -5.99 -16.86
C GLY D 133 4.01 -5.85 -16.30
N ARG D 134 3.19 -4.95 -16.84
CA ARG D 134 1.81 -4.82 -16.39
C ARG D 134 0.94 -5.77 -17.20
N PRO D 135 -0.08 -6.37 -16.55
CA PRO D 135 -0.89 -7.37 -17.25
C PRO D 135 -1.75 -6.69 -18.31
N GLY D 136 -1.62 -7.19 -19.53
CA GLY D 136 -2.26 -6.63 -20.70
C GLY D 136 -1.69 -5.30 -21.17
N GLY D 137 -0.58 -4.85 -20.60
CA GLY D 137 0.06 -3.57 -20.97
C GLY D 137 0.45 -3.56 -22.44
N LEU D 138 1.00 -4.68 -22.90
CA LEU D 138 1.35 -4.90 -24.29
C LEU D 138 0.58 -6.06 -24.87
N ALA D 139 0.36 -6.01 -26.18
CA ALA D 139 -0.24 -7.13 -26.89
C ALA D 139 0.41 -7.30 -28.27
N VAL D 140 0.60 -8.57 -28.64
CA VAL D 140 1.27 -8.94 -29.89
C VAL D 140 0.31 -9.83 -30.69
N LEU D 141 0.10 -9.47 -31.96
CA LEU D 141 -0.61 -10.32 -32.92
C LEU D 141 0.47 -11.04 -33.69
N ALA D 142 0.38 -12.37 -33.70
CA ALA D 142 1.35 -13.19 -34.40
C ALA D 142 0.68 -14.03 -35.46
N ALA D 143 1.33 -14.11 -36.63
CA ALA D 143 0.91 -15.03 -37.71
C ALA D 143 2.09 -15.85 -38.19
N PHE D 144 1.82 -17.12 -38.50
CA PHE D 144 2.83 -17.97 -39.13
C PHE D 144 2.91 -17.70 -40.63
N LEU D 145 4.13 -17.62 -41.15
CA LEU D 145 4.40 -17.50 -42.59
C LEU D 145 4.78 -18.89 -43.08
N GLU D 146 4.15 -19.32 -44.17
CA GLU D 146 4.33 -20.63 -44.81
C GLU D 146 4.74 -20.49 -46.26
N GLU D 147 5.27 -21.57 -46.83
CA GLU D 147 5.59 -21.59 -48.26
C GLU D 147 4.31 -21.74 -49.08
N GLY D 148 4.21 -20.94 -50.15
CA GLY D 148 3.07 -21.01 -51.06
C GLY D 148 3.48 -20.97 -52.53
N PRO D 149 2.51 -21.24 -53.44
CA PRO D 149 2.86 -21.22 -54.87
C PRO D 149 3.12 -19.83 -55.42
N GLU D 150 2.50 -18.79 -54.87
CA GLU D 150 2.68 -17.45 -55.45
C GLU D 150 3.19 -16.36 -54.52
N GLU D 151 3.81 -15.38 -55.17
CA GLU D 151 4.42 -14.23 -54.56
C GLU D 151 3.37 -13.36 -53.87
N ASN D 152 3.59 -13.06 -52.58
CA ASN D 152 2.72 -12.21 -51.76
C ASN D 152 3.11 -10.75 -51.97
N SER D 153 2.22 -9.97 -52.56
CA SER D 153 2.59 -8.60 -52.92
C SER D 153 2.62 -7.63 -51.73
N ALA D 154 2.01 -7.99 -50.60
CA ALA D 154 2.11 -7.15 -49.41
C ALA D 154 3.48 -7.28 -48.76
N TYR D 155 3.91 -8.52 -48.59
CA TYR D 155 5.25 -8.81 -48.07
C TYR D 155 6.37 -8.34 -49.00
N GLU D 156 6.14 -8.40 -50.31
CA GLU D 156 7.15 -8.00 -51.30
C GLU D 156 7.56 -6.53 -51.17
N GLN D 157 6.63 -5.67 -50.72
CA GLN D 157 6.97 -4.26 -50.47
C GLN D 157 8.05 -4.07 -49.41
N LEU D 158 8.12 -5.00 -48.47
CA LEU D 158 9.18 -5.02 -47.46
C LEU D 158 10.38 -5.81 -47.95
N LEU D 159 10.12 -7.02 -48.43
CA LEU D 159 11.18 -7.94 -48.82
C LEU D 159 12.04 -7.42 -49.99
N SER D 160 11.47 -6.55 -50.81
CA SER D 160 12.21 -5.87 -51.88
C SER D 160 13.17 -4.77 -51.38
N ARG D 161 13.12 -4.43 -50.09
CA ARG D 161 14.00 -3.41 -49.55
C ARG D 161 15.07 -3.96 -48.62
N LEU D 162 15.09 -5.27 -48.40
CA LEU D 162 16.07 -5.87 -47.49
C LEU D 162 17.52 -5.69 -47.96
N GLU D 163 17.76 -5.79 -49.28
CA GLU D 163 19.06 -5.48 -49.89
C GLU D 163 19.60 -4.09 -49.47
N GLU D 164 18.74 -3.09 -49.40
CA GLU D 164 19.17 -1.73 -49.03
C GLU D 164 19.68 -1.58 -47.58
N ILE D 165 19.32 -2.53 -46.72
CA ILE D 165 19.61 -2.46 -45.29
C ILE D 165 20.28 -3.75 -44.78
N ALA D 166 21.08 -4.40 -45.63
CA ALA D 166 21.68 -5.71 -45.31
C ALA D 166 22.69 -5.61 -44.16
N GLU D 167 23.37 -4.48 -44.10
CA GLU D 167 24.38 -4.20 -43.10
C GLU D 167 23.69 -3.99 -41.75
N GLU D 168 24.19 -4.66 -40.70
CA GLU D 168 23.64 -4.49 -39.35
C GLU D 168 23.51 -3.01 -39.01
N GLY D 169 22.36 -2.64 -38.42
CA GLY D 169 22.14 -1.28 -37.96
C GLY D 169 21.74 -0.25 -39.01
N SER D 170 21.62 -0.65 -40.28
CA SER D 170 21.21 0.31 -41.34
C SER D 170 19.69 0.34 -41.42
N GLU D 171 19.20 1.42 -42.04
CA GLU D 171 17.78 1.65 -42.18
C GLU D 171 17.41 2.46 -43.43
N THR D 172 16.18 2.29 -43.91
CA THR D 172 15.68 2.99 -45.07
C THR D 172 14.24 3.41 -44.85
N GLN D 173 13.80 4.41 -45.61
CA GLN D 173 12.41 4.80 -45.65
C GLN D 173 11.72 3.87 -46.64
N VAL D 174 10.47 3.50 -46.35
CA VAL D 174 9.64 2.79 -47.33
C VAL D 174 8.30 3.51 -47.43
N PRO D 175 7.62 3.40 -48.60
CA PRO D 175 6.29 3.98 -48.70
C PRO D 175 5.33 3.29 -47.75
N GLY D 176 4.36 4.03 -47.23
CA GLY D 176 3.32 3.44 -46.41
C GLY D 176 2.57 2.36 -47.17
N LEU D 177 2.15 1.34 -46.44
CA LEU D 177 1.43 0.21 -46.99
C LEU D 177 0.26 -0.13 -46.09
N ASP D 178 -0.59 -1.03 -46.58
CA ASP D 178 -1.64 -1.59 -45.76
C ASP D 178 -1.03 -2.65 -44.85
N ILE D 179 -0.93 -2.32 -43.58
CA ILE D 179 -0.36 -3.22 -42.60
C ILE D 179 -1.25 -4.46 -42.46
N SER D 180 -2.57 -4.27 -42.50
CA SER D 180 -3.52 -5.38 -42.36
C SER D 180 -3.42 -6.42 -43.49
N ALA D 181 -2.95 -6.01 -44.67
CA ALA D 181 -2.66 -6.92 -45.77
C ALA D 181 -1.58 -7.96 -45.47
N LEU D 182 -0.75 -7.75 -44.45
CA LEU D 182 0.24 -8.75 -44.01
C LEU D 182 -0.34 -9.84 -43.10
N LEU D 183 -1.62 -9.73 -42.72
CA LEU D 183 -2.21 -10.66 -41.75
C LEU D 183 -3.19 -11.64 -42.39
N PRO D 184 -3.48 -12.76 -41.72
CA PRO D 184 -4.39 -13.77 -42.29
C PRO D 184 -5.77 -13.25 -42.60
N SER D 185 -6.51 -14.05 -43.34
CA SER D 185 -7.82 -13.64 -43.84
C SER D 185 -8.88 -13.57 -42.74
N ASP D 186 -8.81 -14.46 -41.76
CA ASP D 186 -9.87 -14.60 -40.76
C ASP D 186 -9.49 -14.15 -39.35
N PHE D 187 -10.02 -13.01 -38.94
CA PHE D 187 -9.75 -12.39 -37.62
C PHE D 187 -10.58 -12.95 -36.45
N SER D 188 -11.36 -14.00 -36.71
CA SER D 188 -12.21 -14.55 -35.67
C SER D 188 -11.62 -15.83 -35.10
N ARG D 189 -10.54 -16.33 -35.72
CA ARG D 189 -9.95 -17.65 -35.34
C ARG D 189 -8.50 -17.48 -34.88
N TYR D 190 -8.30 -17.64 -33.58
CA TYR D 190 -6.99 -17.40 -32.98
C TYR D 190 -6.86 -18.10 -31.66
N PHE D 191 -5.61 -18.34 -31.28
CA PHE D 191 -5.28 -18.75 -29.93
C PHE D 191 -4.84 -17.50 -29.16
N GLN D 192 -4.98 -17.55 -27.84
CA GLN D 192 -4.55 -16.47 -26.98
C GLN D 192 -4.07 -16.96 -25.61
N TYR D 193 -2.95 -16.41 -25.15
CA TYR D 193 -2.43 -16.69 -23.82
C TYR D 193 -1.66 -15.48 -23.31
N GLU D 194 -1.41 -15.44 -22.01
CA GLU D 194 -0.59 -14.38 -21.42
C GLU D 194 0.84 -14.87 -21.27
N GLY D 195 1.80 -14.09 -21.75
CA GLY D 195 3.21 -14.49 -21.71
C GLY D 195 4.18 -13.31 -21.66
N SER D 196 5.28 -13.40 -22.40
CA SER D 196 6.34 -12.41 -22.30
C SER D 196 6.79 -11.88 -23.63
N LEU D 197 7.64 -10.87 -23.59
CA LEU D 197 8.48 -10.57 -24.74
C LEU D 197 9.45 -11.75 -24.95
N THR D 198 9.95 -11.92 -26.16
CA THR D 198 10.82 -13.04 -26.48
C THR D 198 12.28 -12.59 -26.68
N THR D 199 12.62 -11.38 -26.26
CA THR D 199 13.99 -10.85 -26.25
C THR D 199 14.12 -10.04 -24.95
N PRO D 200 15.35 -9.83 -24.45
CA PRO D 200 15.44 -8.97 -23.28
C PRO D 200 14.77 -7.59 -23.51
N PRO D 201 13.97 -7.06 -22.59
CA PRO D 201 13.92 -7.47 -21.18
C PRO D 201 13.01 -8.63 -20.80
N CYS D 202 12.41 -9.33 -21.76
CA CYS D 202 11.52 -10.48 -21.46
C CYS D 202 10.42 -10.16 -20.43
N ALA D 203 9.89 -8.94 -20.49
CA ALA D 203 8.80 -8.49 -19.63
C ALA D 203 7.58 -9.40 -19.79
N GLN D 204 6.91 -9.69 -18.68
CA GLN D 204 5.72 -10.52 -18.69
C GLN D 204 4.50 -9.62 -18.77
N GLY D 205 3.32 -10.23 -18.75
CA GLY D 205 2.05 -9.54 -18.98
C GLY D 205 1.74 -9.16 -20.43
N VAL D 206 2.40 -9.81 -21.39
CA VAL D 206 2.14 -9.59 -22.80
C VAL D 206 1.03 -10.55 -23.23
N ILE D 207 -0.05 -10.01 -23.79
CA ILE D 207 -1.10 -10.83 -24.37
C ILE D 207 -0.70 -11.19 -25.79
N TRP D 208 -0.46 -12.48 -26.00
CA TRP D 208 -0.19 -13.03 -27.35
C TRP D 208 -1.47 -13.56 -28.01
N THR D 209 -1.69 -13.17 -29.26
CA THR D 209 -2.81 -13.62 -30.05
C THR D 209 -2.17 -14.25 -31.27
N VAL D 210 -2.35 -15.55 -31.44
CA VAL D 210 -1.75 -16.29 -32.56
C VAL D 210 -2.86 -16.77 -33.48
N PHE D 211 -2.91 -16.21 -34.70
CA PHE D 211 -3.92 -16.55 -35.72
C PHE D 211 -3.90 -18.03 -36.09
N ASN D 212 -5.09 -18.65 -36.18
CA ASN D 212 -5.24 -20.03 -36.64
C ASN D 212 -4.68 -20.19 -38.05
N GLN D 213 -5.08 -19.31 -38.97
CA GLN D 213 -4.62 -19.39 -40.37
C GLN D 213 -3.24 -18.79 -40.55
N THR D 214 -2.54 -19.28 -41.56
CA THR D 214 -1.20 -18.83 -41.91
C THR D 214 -1.26 -17.86 -43.07
N VAL D 215 -0.16 -17.19 -43.32
CA VAL D 215 0.00 -16.37 -44.50
C VAL D 215 1.02 -17.11 -45.35
N MET D 216 0.83 -17.07 -46.67
CA MET D 216 1.70 -17.78 -47.60
C MET D 216 2.64 -16.83 -48.35
N LEU D 217 3.92 -17.20 -48.40
CA LEU D 217 4.97 -16.45 -49.16
C LEU D 217 5.62 -17.41 -50.16
N SER D 218 6.11 -16.87 -51.28
CA SER D 218 6.79 -17.71 -52.27
C SER D 218 8.07 -18.24 -51.66
N ALA D 219 8.58 -19.34 -52.19
CA ALA D 219 9.89 -19.83 -51.78
C ALA D 219 10.98 -18.77 -52.03
N LYS D 220 10.90 -18.03 -53.14
CA LYS D 220 11.88 -16.96 -53.45
C LYS D 220 11.87 -15.92 -52.34
N GLN D 221 10.68 -15.63 -51.83
CA GLN D 221 10.51 -14.64 -50.75
C GLN D 221 11.09 -15.05 -49.36
N LEU D 222 10.77 -16.27 -48.93
CA LEU D 222 11.34 -16.81 -47.68
C LEU D 222 12.86 -16.93 -47.72
N HIS D 223 13.39 -17.29 -48.90
CA HIS D 223 14.84 -17.26 -49.19
C HIS D 223 15.36 -15.83 -48.99
N THR D 224 14.73 -14.87 -49.67
CA THR D 224 15.13 -13.46 -49.53
C THR D 224 15.15 -13.04 -48.06
N LEU D 225 14.12 -13.44 -47.30
CA LEU D 225 13.98 -13.10 -45.89
C LEU D 225 15.16 -13.58 -45.03
N SER D 226 15.53 -14.85 -45.14
CA SER D 226 16.66 -15.38 -44.37
C SER D 226 18.03 -14.86 -44.87
N ASP D 227 18.31 -15.08 -46.15
CA ASP D 227 19.65 -14.93 -46.70
C ASP D 227 20.16 -13.50 -46.97
N THR D 228 19.32 -12.47 -46.88
CA THR D 228 19.75 -11.09 -47.20
C THR D 228 20.45 -10.35 -46.06
N LEU D 229 19.96 -10.50 -44.83
CA LEU D 229 20.37 -9.61 -43.74
C LEU D 229 21.58 -10.16 -42.97
N TRP D 230 22.47 -9.22 -42.57
CA TRP D 230 23.68 -9.51 -41.76
C TRP D 230 23.54 -8.96 -40.35
N GLY D 231 23.96 -9.75 -39.36
CA GLY D 231 23.94 -9.39 -37.93
C GLY D 231 25.27 -8.87 -37.34
N PRO D 232 25.54 -9.19 -36.05
CA PRO D 232 26.72 -8.73 -35.30
C PRO D 232 28.06 -8.82 -36.02
N GLY D 233 33.00 -10.48 -36.61
CA GLY D 233 31.64 -11.02 -36.62
C GLY D 233 31.00 -10.97 -38.00
N ASP D 234 30.32 -9.86 -38.28
CA ASP D 234 29.56 -9.64 -39.53
C ASP D 234 28.96 -10.93 -40.15
N SER D 235 28.34 -11.78 -39.30
CA SER D 235 27.74 -13.06 -39.75
C SER D 235 26.24 -12.89 -40.04
N ARG D 236 25.66 -13.86 -40.74
CA ARG D 236 24.25 -13.79 -41.21
C ARG D 236 23.19 -13.62 -40.11
N LEU D 237 22.13 -12.89 -40.43
CA LEU D 237 20.99 -12.74 -39.53
C LEU D 237 19.95 -13.82 -39.83
N GLN D 238 20.04 -14.91 -39.07
CA GLN D 238 19.24 -16.13 -39.27
C GLN D 238 18.88 -16.78 -37.96
N LEU D 239 17.87 -17.65 -38.01
CA LEU D 239 17.47 -18.44 -36.86
C LEU D 239 17.29 -17.53 -35.62
N ASN D 240 16.64 -16.38 -35.81
CA ASN D 240 16.45 -15.37 -34.77
C ASN D 240 15.14 -15.62 -33.99
N PHE D 241 14.94 -16.87 -33.60
CA PHE D 241 13.81 -17.25 -32.77
C PHE D 241 14.26 -17.69 -31.39
N ARG D 242 13.35 -17.65 -30.43
CA ARG D 242 13.61 -18.10 -29.09
C ARG D 242 13.01 -19.49 -28.97
N ALA D 243 13.61 -20.31 -28.12
CA ALA D 243 13.13 -21.66 -27.85
C ALA D 243 11.81 -21.60 -27.12
N THR D 244 10.95 -22.61 -27.33
CA THR D 244 9.63 -22.59 -26.70
C THR D 244 9.77 -22.85 -25.21
N GLN D 245 8.82 -22.35 -24.44
CA GLN D 245 8.92 -22.24 -23.00
C GLN D 245 7.77 -22.98 -22.38
N PRO D 246 7.94 -23.49 -21.15
CA PRO D 246 6.84 -24.22 -20.50
C PRO D 246 5.62 -23.33 -20.14
N LEU D 247 4.42 -23.88 -20.25
CA LEU D 247 3.20 -23.16 -19.90
C LEU D 247 3.12 -22.92 -18.38
N ASN D 248 3.69 -23.85 -17.60
CA ASN D 248 3.67 -23.81 -16.14
C ASN D 248 2.25 -23.50 -15.63
N GLY D 249 1.29 -24.28 -16.13
CA GLY D 249 -0.10 -24.21 -15.69
C GLY D 249 -1.02 -23.36 -16.52
N ARG D 250 -0.48 -22.51 -17.40
CA ARG D 250 -1.30 -21.67 -18.26
C ARG D 250 -2.03 -22.54 -19.27
N VAL D 251 -3.32 -22.25 -19.46
CA VAL D 251 -4.12 -22.89 -20.47
C VAL D 251 -4.24 -21.97 -21.67
N ILE D 252 -3.82 -22.43 -22.85
CA ILE D 252 -4.01 -21.65 -24.07
C ILE D 252 -5.49 -21.65 -24.45
N GLU D 253 -6.04 -20.47 -24.72
CA GLU D 253 -7.45 -20.31 -25.10
C GLU D 253 -7.58 -20.25 -26.61
N ALA D 254 -8.76 -20.61 -27.10
CA ALA D 254 -9.04 -20.56 -28.56
C ALA D 254 -10.40 -19.95 -28.80
N SER D 255 -10.51 -19.18 -29.89
CA SER D 255 -11.76 -18.47 -30.23
C SER D 255 -12.76 -19.31 -31.02
N PHE D 256 -12.42 -20.58 -31.27
CA PHE D 256 -13.20 -21.48 -32.10
C PHE D 256 -13.18 -22.88 -31.46
N PRO D 257 -14.26 -23.67 -31.64
CA PRO D 257 -14.29 -25.01 -31.04
C PRO D 257 -13.49 -26.07 -31.83
ZN ZN E . 14.41 12.51 -0.28
F15 ER5 F . 9.95 10.99 -4.39
C9 ER5 F . 10.50 11.97 -3.67
C10 ER5 F . 11.08 13.10 -4.39
S30 ER5 F . 10.99 13.24 -6.07
C31 ER5 F . 9.63 14.40 -6.30
C32 ER5 F . 8.20 14.00 -5.87
C33 ER5 F . 7.61 13.03 -6.87
C34 ER5 F . 7.25 13.48 -8.14
C35 ER5 F . 6.74 12.58 -9.08
C36 ER5 F . 6.58 11.22 -8.75
C39 ER5 F . 6.07 10.26 -9.78
O40 ER5 F . 6.12 9.03 -9.61
O41 ER5 F . 5.67 10.74 -10.96
C37 ER5 F . 6.96 10.76 -7.47
C38 ER5 F . 7.46 11.67 -6.53
C11 ER5 F . 11.70 14.19 -3.65
F14 ER5 F . 12.22 15.25 -4.31
C12 ER5 F . 11.78 14.12 -2.20
F13 ER5 F . 12.35 15.17 -1.62
C8 ER5 F . 10.57 11.87 -2.20
C7 ER5 F . 11.21 12.99 -1.43
S37 ER5 F . 11.32 13.04 0.18
O38 ER5 F . 11.02 11.81 0.83
N40 ER5 F . 12.83 13.43 0.57
O39 ER5 F . 10.40 14.05 0.67
N16 ER5 F . 9.94 10.89 -1.54
C18 ER5 F . 8.64 10.37 -1.97
C19 ER5 F . 8.46 8.86 -1.72
C20 ER5 F . 7.60 8.29 -0.60
C21 ER5 F . 6.22 7.78 -1.03
C22 ER5 F . 5.12 8.84 -1.11
C23 ER5 F . 4.76 9.40 0.26
C24 ER5 F . 3.80 10.58 0.12
C25 ER5 F . 4.51 11.93 0.04
C26 ER5 F . 4.60 12.50 -1.38
C27 ER5 F . 5.95 13.15 -1.64
C28 ER5 F . 6.91 12.17 -2.30
C29 ER5 F . 7.63 11.30 -1.29
ZN ZN G . -6.29 5.43 33.84
F15 ER5 H . -12.19 5.78 31.47
C9 ER5 H . -11.13 5.03 31.79
C10 ER5 H . -11.34 3.92 32.77
S30 ER5 H . -12.86 3.57 33.45
C31 ER5 H . -13.53 2.18 32.52
C32 ER5 H . -13.87 2.38 31.03
C33 ER5 H . -15.15 3.19 30.90
C34 ER5 H . -16.41 2.63 31.20
C35 ER5 H . -17.57 3.42 31.10
C36 ER5 H . -17.48 4.77 30.69
C39 ER5 H . -18.72 5.65 30.60
O40 ER5 H . -18.63 6.87 30.49
O41 ER5 H . -19.93 5.12 30.71
C37 ER5 H . -16.23 5.32 30.40
C38 ER5 H . -15.09 4.53 30.51
C11 ER5 H . -10.20 3.06 33.13
F14 ER5 H . -10.37 2.05 34.02
C12 ER5 H . -8.87 3.29 32.56
F13 ER5 H . -7.87 2.48 32.93
C8 ER5 H . -9.77 5.28 31.21
C7 ER5 H . -8.62 4.39 31.59
S37 ER5 H . -7.12 4.55 31.01
O38 ER5 H . -6.85 5.88 30.54
N40 ER5 H . -6.07 4.18 32.18
O39 ER5 H . -6.92 3.61 29.94
N16 ER5 H . -9.46 6.15 30.21
C18 ER5 H . -10.26 6.46 28.99
C19 ER5 H . -10.89 7.84 28.99
C20 ER5 H . -10.26 8.75 27.92
C21 ER5 H . -11.19 9.23 26.81
C22 ER5 H . -11.54 8.22 25.74
C23 ER5 H . -10.44 7.25 25.31
C24 ER5 H . -10.97 6.29 24.26
C25 ER5 H . -11.77 5.12 24.83
C26 ER5 H . -10.84 4.09 25.48
C27 ER5 H . -11.36 3.56 26.81
C28 ER5 H . -10.60 4.13 28.02
C29 ER5 H . -11.26 5.41 28.51
ZN ZN I . -18.59 -2.82 -3.35
F15 ER5 J . -15.39 1.63 -0.18
C9 ER5 J . -16.26 1.36 -1.15
C10 ER5 J . -17.60 1.97 -1.04
S30 ER5 J . -17.97 3.01 0.25
C31 ER5 J . -17.74 4.66 -0.36
C32 ER5 J . -16.31 5.06 -0.79
C33 ER5 J . -15.51 5.47 0.42
C34 ER5 J . -15.82 6.63 1.15
C35 ER5 J . -15.06 6.99 2.28
C36 ER5 J . -14.00 6.17 2.70
C39 ER5 J . -13.18 6.47 3.92
O40 ER5 J . -12.16 5.86 4.17
O41 ER5 J . -13.63 7.37 4.78
C37 ER5 J . -13.70 5.00 1.98
C38 ER5 J . -14.44 4.66 0.85
C11 ER5 J . -18.61 1.70 -2.09
F14 ER5 J . -19.82 2.25 -2.01
C12 ER5 J . -18.27 0.82 -3.23
F13 ER5 J . -19.19 0.59 -4.16
C8 ER5 J . -15.92 0.45 -2.27
C7 ER5 J . -16.93 0.19 -3.34
S37 ER5 J . -16.68 -0.77 -4.63
O38 ER5 J . -16.49 0.09 -5.78
N40 ER5 J . -17.93 -1.76 -4.85
O39 ER5 J . -15.56 -1.65 -4.52
N16 ER5 J . -14.68 -0.06 -2.42
C18 ER5 J . -13.44 0.50 -1.85
C19 ER5 J . -12.27 -0.41 -2.21
C20 ER5 J . -10.85 0.05 -1.81
C21 ER5 J . -9.99 0.31 -3.05
C22 ER5 J . -9.34 1.66 -2.91
C23 ER5 J . -9.11 2.29 -4.27
C24 ER5 J . -10.27 2.83 -5.08
C25 ER5 J . -11.03 3.95 -4.36
C26 ER5 J . -12.37 4.17 -5.01
C27 ER5 J . -13.57 3.48 -4.35
C28 ER5 J . -13.39 2.02 -3.92
C29 ER5 J . -13.23 1.91 -2.39
ZN ZN K . 8.86 -11.00 -32.01
F15 ER5 L . 12.39 -5.80 -31.86
C9 ER5 L . 12.16 -7.03 -31.37
C10 ER5 L . 13.24 -8.02 -31.55
S30 ER5 L . 14.69 -7.55 -32.32
C31 ER5 L . 15.85 -7.54 -30.96
C32 ER5 L . 15.61 -6.48 -29.88
C33 ER5 L . 16.05 -5.13 -30.40
C34 ER5 L . 17.40 -4.84 -30.55
C35 ER5 L . 17.80 -3.58 -31.05
C36 ER5 L . 16.84 -2.62 -31.40
C39 ER5 L . 17.26 -1.29 -31.95
O40 ER5 L . 18.42 -0.96 -32.04
O41 ER5 L . 16.33 -0.46 -32.43
C37 ER5 L . 15.48 -2.92 -31.25
C38 ER5 L . 15.09 -4.17 -30.76
C11 ER5 L . 13.05 -9.39 -31.03
F14 ER5 L . 13.99 -10.31 -31.17
C12 ER5 L . 11.82 -9.78 -30.36
F13 ER5 L . 11.69 -11.05 -29.92
C8 ER5 L . 10.89 -7.42 -30.68
C7 ER5 L . 10.72 -8.81 -30.17
S37 ER5 L . 9.43 -9.34 -29.41
O38 ER5 L . 8.29 -8.49 -29.61
N40 ER5 L . 9.06 -10.85 -29.84
O39 ER5 L . 9.74 -9.35 -28.01
N16 ER5 L . 9.92 -6.51 -30.41
C18 ER5 L . 10.20 -5.07 -30.25
C19 ER5 L . 8.90 -4.30 -29.96
C20 ER5 L . 9.04 -2.79 -29.70
C21 ER5 L . 7.98 -2.23 -28.74
C22 ER5 L . 8.10 -2.67 -27.30
C23 ER5 L . 9.35 -2.14 -26.61
C24 ER5 L . 9.79 -3.06 -25.47
C25 ER5 L . 11.29 -3.02 -25.27
C26 ER5 L . 12.16 -3.67 -26.37
C27 ER5 L . 11.90 -5.16 -26.66
C28 ER5 L . 10.91 -5.46 -27.79
C29 ER5 L . 11.29 -4.86 -29.15
#